data_3EI7
#
_entry.id   3EI7
#
_cell.length_a   103.101
_cell.length_b   103.101
_cell.length_c   171.827
_cell.angle_alpha   90.00
_cell.angle_beta   90.00
_cell.angle_gamma   120.00
#
_symmetry.space_group_name_H-M   'P 32 2 1'
#
loop_
_entity.id
_entity.type
_entity.pdbx_description
1 polymer 'LL-diaminopimelate aminotransferase'
2 non-polymer 'SULFATE ION'
3 water water
#
_entity_poly.entity_id   1
_entity_poly.type   'polypeptide(L)'
_entity_poly.pdbx_seq_one_letter_code
;MAKRVNTCKCVATPQEKIEYKTKVSRNSNMSKLQAGYLFPEIARRRSAHLLKYPDAQVISLGIGDTTEPIPEVITSAMAK
KAHELSTIEGYSGYGAEQGAKPLRAAIAKTFYGGLGIGDDDVFVSDGAKCDISRLQVMFGSNVTIAVQDPSYPAYVDSSV
IMGQTGQFNTDVQKYGNIEYMRCTPENGFFPDLSTVGRTDIIFFCSPNNPTGAAATREQLTQLVEFAKKNGSIIVYDSAY
AMYMSDDNPRSIFEIPGAEEVAMETASFSKYAGFTGVRLGWTVIPKKLLYSDGFPVAKDFNRIICTCFNGASNISQAGAL
ACLTPEGLEAMHKVIGFYKENTNIIIDTFTSLGYDVYGGKNAPYVWVHFPNQSSWDVFAEILEKTHVVTTPGSGFGPGGE
GFVRVSAFGHRENILEACRRFKQLYKHHHHHH
;
_entity_poly.pdbx_strand_id   A,B
#
# COMPACT_ATOMS: atom_id res chain seq x y z
N GLU A 19 15.33 21.74 -22.75
CA GLU A 19 14.12 20.94 -22.41
C GLU A 19 13.21 21.67 -21.40
N TYR A 20 11.92 21.40 -21.46
CA TYR A 20 11.01 22.06 -20.52
C TYR A 20 11.17 21.43 -19.12
N LYS A 21 11.02 22.25 -18.07
CA LYS A 21 11.05 21.80 -16.67
C LYS A 21 9.83 22.43 -16.04
N THR A 22 9.15 21.73 -15.12
CA THR A 22 8.06 22.35 -14.36
C THR A 22 8.75 23.28 -13.34
N LYS A 23 7.97 24.05 -12.61
CA LYS A 23 8.48 24.89 -11.51
C LYS A 23 8.17 24.20 -10.17
N VAL A 24 7.93 22.91 -10.20
CA VAL A 24 7.71 22.18 -8.92
C VAL A 24 9.06 21.78 -8.32
N SER A 25 9.32 22.15 -7.05
CA SER A 25 10.56 21.72 -6.40
C SER A 25 10.49 20.24 -6.08
N ARG A 26 11.58 19.55 -6.33
CA ARG A 26 11.75 18.15 -5.87
C ARG A 26 11.61 18.10 -4.34
N ASN A 27 10.93 17.09 -3.83
CA ASN A 27 10.80 16.88 -2.38
C ASN A 27 12.21 16.81 -1.76
N SER A 28 12.54 17.76 -0.90
CA SER A 28 13.91 17.77 -0.32
C SER A 28 14.22 16.54 0.51
N ASN A 29 13.20 15.79 0.92
CA ASN A 29 13.43 14.53 1.65
C ASN A 29 13.83 13.41 0.73
N MET A 30 13.32 13.43 -0.52
CA MET A 30 13.86 12.50 -1.55
C MET A 30 15.34 12.75 -1.85
N SER A 31 15.71 14.02 -2.04
CA SER A 31 17.09 14.46 -2.19
C SER A 31 18.03 14.09 -1.06
N LYS A 32 17.50 13.89 0.15
CA LYS A 32 18.32 13.55 1.33
C LYS A 32 18.89 12.14 1.25
N LEU A 33 18.21 11.29 0.51
CA LEU A 33 18.52 9.89 0.47
C LEU A 33 19.90 9.65 -0.17
N GLN A 34 20.69 8.79 0.46
CA GLN A 34 22.01 8.48 -0.04
C GLN A 34 21.92 7.59 -1.29
N ALA A 35 22.87 7.80 -2.21
CA ALA A 35 23.09 6.92 -3.35
C ALA A 35 23.48 5.51 -2.90
N GLY A 36 23.00 4.52 -3.64
CA GLY A 36 23.44 3.13 -3.43
C GLY A 36 22.66 2.45 -2.33
N TYR A 37 21.34 2.62 -2.37
CA TYR A 37 20.42 1.89 -1.50
C TYR A 37 20.57 0.39 -1.78
N LEU A 38 20.39 -0.42 -0.74
CA LEU A 38 20.76 -1.83 -0.79
C LEU A 38 20.22 -2.59 -2.00
N PHE A 39 18.90 -2.55 -2.18
CA PHE A 39 18.22 -3.37 -3.18
C PHE A 39 18.60 -3.08 -4.65
N PRO A 40 18.61 -1.78 -5.05
CA PRO A 40 19.05 -1.46 -6.42
C PRO A 40 20.56 -1.72 -6.65
N GLU A 41 21.36 -1.54 -5.59
CA GLU A 41 22.81 -1.78 -5.68
C GLU A 41 23.17 -3.25 -5.88
N ILE A 42 22.49 -4.14 -5.16
CA ILE A 42 22.73 -5.56 -5.34
C ILE A 42 22.32 -5.98 -6.76
N ALA A 43 21.17 -5.49 -7.21
CA ALA A 43 20.69 -5.76 -8.57
C ALA A 43 21.72 -5.32 -9.61
N ARG A 44 22.30 -4.13 -9.43
CA ARG A 44 23.36 -3.66 -10.32
C ARG A 44 24.55 -4.63 -10.35
N ARG A 45 25.02 -5.03 -9.17
CA ARG A 45 26.26 -5.79 -9.09
C ARG A 45 26.06 -7.18 -9.64
N ARG A 46 24.86 -7.71 -9.42
CA ARG A 46 24.53 -9.05 -9.87
C ARG A 46 24.48 -9.12 -11.42
N SER A 47 23.88 -8.09 -12.03
CA SER A 47 23.81 -8.00 -13.49
C SER A 47 25.15 -7.69 -14.12
N ALA A 48 25.89 -6.75 -13.53
CA ALA A 48 27.28 -6.53 -13.92
C ALA A 48 28.02 -7.87 -13.90
N HIS A 49 27.81 -8.67 -12.85
CA HIS A 49 28.44 -9.99 -12.70
C HIS A 49 28.07 -10.99 -13.78
N LEU A 50 26.82 -10.93 -14.24
CA LEU A 50 26.36 -11.89 -15.23
C LEU A 50 26.87 -11.51 -16.62
N LEU A 51 27.01 -10.21 -16.91
CA LEU A 51 27.74 -9.78 -18.12
C LEU A 51 29.18 -10.33 -18.11
N LYS A 52 29.81 -10.33 -16.94
CA LYS A 52 31.19 -10.80 -16.78
C LYS A 52 31.32 -12.30 -16.93
N TYR A 53 30.35 -13.02 -16.39
CA TYR A 53 30.39 -14.48 -16.40
C TYR A 53 29.07 -15.04 -16.96
N PRO A 54 28.84 -14.85 -18.27
CA PRO A 54 27.55 -15.19 -18.90
C PRO A 54 27.07 -16.62 -18.63
N ASP A 55 27.99 -17.52 -18.30
CA ASP A 55 27.67 -18.92 -18.06
C ASP A 55 27.59 -19.33 -16.58
N ALA A 56 27.68 -18.36 -15.69
CA ALA A 56 27.74 -18.66 -14.24
C ALA A 56 26.40 -19.24 -13.76
N GLN A 57 26.46 -20.26 -12.92
CA GLN A 57 25.25 -20.72 -12.24
C GLN A 57 25.09 -19.95 -10.91
N VAL A 58 24.42 -18.81 -10.97
CA VAL A 58 24.35 -17.91 -9.80
C VAL A 58 23.37 -18.48 -8.75
N ILE A 59 23.74 -18.45 -7.48
CA ILE A 59 22.82 -18.90 -6.43
C ILE A 59 22.56 -17.69 -5.56
N SER A 60 21.29 -17.32 -5.40
CA SER A 60 20.98 -16.15 -4.59
C SER A 60 20.59 -16.47 -3.16
N LEU A 61 21.43 -16.01 -2.24
CA LEU A 61 21.10 -16.08 -0.82
C LEU A 61 21.12 -14.65 -0.25
N GLY A 62 20.68 -13.69 -1.08
CA GLY A 62 20.57 -12.27 -0.72
C GLY A 62 19.22 -12.01 -0.06
N ILE A 63 18.53 -10.95 -0.45
CA ILE A 63 17.12 -10.72 0.01
C ILE A 63 16.37 -11.94 0.68
N GLY A 64 15.70 -11.69 1.82
CA GLY A 64 14.79 -12.69 2.42
C GLY A 64 13.64 -13.02 1.47
N ASP A 65 13.95 -13.72 0.37
CA ASP A 65 13.04 -13.97 -0.74
C ASP A 65 12.71 -15.47 -0.92
N THR A 66 11.54 -15.92 -0.43
CA THR A 66 11.25 -17.37 -0.33
C THR A 66 10.91 -18.12 -1.65
N THR A 67 11.33 -19.37 -1.69
CA THR A 67 11.64 -20.07 -2.93
C THR A 67 10.81 -21.33 -3.15
N GLU A 68 10.13 -21.80 -2.11
CA GLU A 68 9.38 -23.08 -2.19
C GLU A 68 7.90 -22.84 -2.49
N PRO A 69 7.27 -23.78 -3.23
CA PRO A 69 5.88 -23.59 -3.65
C PRO A 69 4.96 -23.39 -2.45
N ILE A 70 3.92 -22.57 -2.61
CA ILE A 70 2.93 -22.43 -1.56
C ILE A 70 2.30 -23.80 -1.28
N PRO A 71 2.11 -24.15 0.02
CA PRO A 71 1.39 -25.42 0.28
C PRO A 71 0.06 -25.48 -0.44
N GLU A 72 -0.32 -26.66 -0.89
CA GLU A 72 -1.56 -26.84 -1.62
C GLU A 72 -2.82 -26.48 -0.87
N VAL A 73 -2.78 -26.60 0.47
CA VAL A 73 -3.94 -26.33 1.28
C VAL A 73 -4.35 -24.87 1.08
N ILE A 74 -3.35 -24.00 0.98
CA ILE A 74 -3.57 -22.56 0.84
C ILE A 74 -3.94 -22.14 -0.60
N THR A 75 -3.23 -22.68 -1.58
CA THR A 75 -3.55 -22.33 -2.98
C THR A 75 -4.90 -22.87 -3.38
N SER A 76 -5.25 -24.07 -2.91
CA SER A 76 -6.61 -24.56 -3.16
C SER A 76 -7.64 -23.61 -2.63
N ALA A 77 -7.41 -23.04 -1.45
CA ALA A 77 -8.40 -22.10 -0.87
C ALA A 77 -8.51 -20.81 -1.73
N MET A 78 -7.36 -20.35 -2.18
CA MET A 78 -7.32 -19.14 -3.03
C MET A 78 -8.01 -19.36 -4.39
N ALA A 79 -7.69 -20.47 -5.05
CA ALA A 79 -8.34 -20.86 -6.32
C ALA A 79 -9.85 -20.99 -6.15
N LYS A 80 -10.26 -21.66 -5.06
CA LYS A 80 -11.69 -21.74 -4.76
C LYS A 80 -12.35 -20.39 -4.59
N LYS A 81 -11.76 -19.49 -3.81
CA LYS A 81 -12.28 -18.14 -3.71
C LYS A 81 -12.28 -17.46 -5.11
N ALA A 82 -11.19 -17.60 -5.85
CA ALA A 82 -11.12 -17.05 -7.24
C ALA A 82 -12.38 -17.47 -8.01
N HIS A 83 -12.65 -18.77 -8.10
CA HIS A 83 -13.83 -19.30 -8.83
C HIS A 83 -15.14 -18.75 -8.30
N GLU A 84 -15.23 -18.63 -6.96
CA GLU A 84 -16.46 -18.14 -6.34
C GLU A 84 -16.77 -16.72 -6.74
N LEU A 85 -15.73 -15.93 -6.99
CA LEU A 85 -15.96 -14.55 -7.37
C LEU A 85 -16.66 -14.44 -8.77
N SER A 86 -16.81 -15.54 -9.47
CA SER A 86 -17.54 -15.59 -10.76
C SER A 86 -18.94 -16.16 -10.61
N THR A 87 -19.39 -16.36 -9.36
CA THR A 87 -20.77 -16.75 -9.07
C THR A 87 -21.46 -15.63 -8.30
N ILE A 88 -22.80 -15.67 -8.27
CA ILE A 88 -23.61 -14.60 -7.66
C ILE A 88 -23.49 -14.58 -6.13
N GLU A 89 -23.95 -15.66 -5.51
CA GLU A 89 -23.95 -15.78 -4.05
C GLU A 89 -22.52 -15.80 -3.52
N GLY A 90 -21.63 -16.47 -4.25
CA GLY A 90 -20.22 -16.56 -3.88
C GLY A 90 -19.42 -15.26 -4.04
N TYR A 91 -20.03 -14.25 -4.64
CA TYR A 91 -19.32 -12.99 -4.90
C TYR A 91 -19.46 -11.93 -3.80
N SER A 92 -18.44 -11.07 -3.69
CA SER A 92 -18.46 -9.89 -2.82
C SER A 92 -17.66 -8.71 -3.43
N GLY A 93 -18.21 -7.49 -3.35
CA GLY A 93 -17.61 -6.28 -3.92
C GLY A 93 -16.25 -5.90 -3.34
N TYR A 94 -16.19 -4.80 -2.59
CA TYR A 94 -14.93 -4.37 -1.95
C TYR A 94 -14.58 -5.19 -0.70
N GLY A 95 -13.94 -4.55 0.27
CA GLY A 95 -13.69 -5.17 1.57
C GLY A 95 -13.82 -4.20 2.72
N ALA A 96 -14.09 -4.73 3.92
CA ALA A 96 -14.03 -3.97 5.17
C ALA A 96 -12.62 -3.41 5.32
N GLU A 97 -12.52 -2.09 5.48
CA GLU A 97 -11.23 -1.39 5.37
C GLU A 97 -10.15 -1.76 6.39
N GLN A 98 -10.59 -2.18 7.59
CA GLN A 98 -9.69 -2.68 8.65
C GLN A 98 -9.33 -4.16 8.44
N GLY A 99 -9.96 -4.78 7.44
CA GLY A 99 -9.83 -6.21 7.22
C GLY A 99 -11.09 -6.96 7.59
N ALA A 100 -11.33 -8.07 6.90
CA ALA A 100 -12.53 -8.85 7.14
C ALA A 100 -12.50 -9.33 8.56
N LYS A 101 -13.65 -9.17 9.23
CA LYS A 101 -13.84 -9.55 10.63
C LYS A 101 -13.38 -10.97 10.93
N PRO A 102 -13.73 -11.97 10.08
CA PRO A 102 -13.25 -13.32 10.40
C PRO A 102 -11.72 -13.43 10.40
N LEU A 103 -11.05 -12.72 9.48
CA LEU A 103 -9.57 -12.73 9.48
C LEU A 103 -8.97 -12.05 10.71
N ARG A 104 -9.51 -10.88 11.06
CA ARG A 104 -9.05 -10.18 12.23
C ARG A 104 -9.27 -11.04 13.46
N ALA A 105 -10.38 -11.78 13.48
CA ALA A 105 -10.67 -12.67 14.63
C ALA A 105 -9.66 -13.79 14.71
N ALA A 106 -9.38 -14.39 13.55
CA ALA A 106 -8.52 -15.54 13.51
C ALA A 106 -7.09 -15.12 13.88
N ILE A 107 -6.68 -13.93 13.42
CA ILE A 107 -5.36 -13.42 13.80
C ILE A 107 -5.26 -13.13 15.31
N ALA A 108 -6.27 -12.46 15.85
CA ALA A 108 -6.24 -12.13 17.29
C ALA A 108 -6.15 -13.41 18.15
N LYS A 109 -6.92 -14.43 17.80
CA LYS A 109 -6.94 -15.64 18.62
C LYS A 109 -5.71 -16.53 18.42
N THR A 110 -5.26 -16.66 17.17
CA THR A 110 -4.20 -17.58 16.89
C THR A 110 -2.89 -17.05 17.46
N PHE A 111 -2.64 -15.76 17.29
CA PHE A 111 -1.36 -15.23 17.72
C PHE A 111 -1.35 -14.38 18.97
N TYR A 112 -2.51 -13.91 19.42
CA TYR A 112 -2.55 -13.01 20.59
C TYR A 112 -3.56 -13.48 21.67
N GLY A 113 -4.04 -14.70 21.57
CA GLY A 113 -4.99 -15.22 22.57
C GLY A 113 -4.36 -15.24 23.97
N GLY A 114 -5.09 -14.72 24.95
CA GLY A 114 -4.59 -14.51 26.34
C GLY A 114 -3.73 -13.26 26.54
N LEU A 115 -3.56 -12.43 25.49
CA LEU A 115 -2.66 -11.28 25.61
C LEU A 115 -3.42 -9.98 25.67
N GLY A 116 -4.73 -10.09 25.89
CA GLY A 116 -5.57 -8.90 26.03
C GLY A 116 -5.78 -8.14 24.73
N ILE A 117 -5.69 -8.85 23.59
CA ILE A 117 -5.91 -8.22 22.28
C ILE A 117 -7.30 -8.55 21.74
N GLY A 118 -8.11 -7.54 21.42
CA GLY A 118 -9.42 -7.81 20.80
C GLY A 118 -9.33 -7.81 19.28
N ASP A 119 -10.35 -8.38 18.63
CA ASP A 119 -10.40 -8.47 17.17
C ASP A 119 -10.28 -7.08 16.55
N ASP A 120 -10.83 -6.09 17.24
CA ASP A 120 -10.88 -4.72 16.73
C ASP A 120 -9.56 -3.96 16.99
N ASP A 121 -8.58 -4.63 17.60
CA ASP A 121 -7.24 -4.05 17.75
C ASP A 121 -6.34 -4.45 16.57
N VAL A 122 -6.80 -5.34 15.69
CA VAL A 122 -6.00 -5.93 14.62
C VAL A 122 -6.40 -5.20 13.34
N PHE A 123 -5.44 -4.65 12.63
CA PHE A 123 -5.68 -3.96 11.36
C PHE A 123 -5.01 -4.74 10.25
N VAL A 124 -5.79 -5.27 9.32
CA VAL A 124 -5.23 -6.07 8.25
C VAL A 124 -4.83 -5.18 7.04
N SER A 125 -3.65 -5.39 6.47
CA SER A 125 -3.25 -4.66 5.28
C SER A 125 -2.83 -5.59 4.15
N ASP A 126 -2.62 -5.03 2.96
CA ASP A 126 -2.14 -5.76 1.77
C ASP A 126 -0.65 -6.16 1.88
N GLY A 127 0.09 -5.54 2.79
CA GLY A 127 1.48 -5.93 2.99
C GLY A 127 2.08 -5.33 4.24
N ALA A 128 3.19 -5.91 4.70
CA ALA A 128 3.87 -5.39 5.88
C ALA A 128 4.74 -4.15 5.61
N LYS A 129 5.49 -4.15 4.50
CA LYS A 129 6.31 -2.98 4.14
C LYS A 129 5.40 -1.78 3.87
N CYS A 130 4.24 -2.07 3.30
CA CYS A 130 3.13 -1.15 3.20
C CYS A 130 2.73 -0.59 4.58
N ASP A 131 2.60 -1.43 5.61
CA ASP A 131 2.26 -0.80 6.90
C ASP A 131 3.38 -0.02 7.67
N ILE A 132 4.66 -0.32 7.46
CA ILE A 132 5.71 0.61 7.93
C ILE A 132 5.46 2.02 7.36
N SER A 133 5.12 2.08 6.07
CA SER A 133 4.84 3.31 5.38
C SER A 133 3.62 4.01 5.86
N ARG A 134 2.51 3.31 5.97
CA ARG A 134 1.32 3.89 6.51
C ARG A 134 1.52 4.39 7.95
N LEU A 135 2.25 3.63 8.77
CA LEU A 135 2.52 4.04 10.15
C LEU A 135 3.36 5.32 10.17
N GLN A 136 4.33 5.40 9.26
CA GLN A 136 5.20 6.58 9.18
C GLN A 136 4.48 7.85 8.70
N VAL A 137 3.56 7.67 7.75
CA VAL A 137 2.67 8.77 7.36
C VAL A 137 1.84 9.22 8.55
N MET A 138 1.27 8.25 9.29
CA MET A 138 0.47 8.54 10.50
C MET A 138 1.31 9.29 11.54
N PHE A 139 2.50 8.80 11.88
CA PHE A 139 3.31 9.47 12.91
C PHE A 139 3.71 10.88 12.45
N GLY A 140 4.01 10.98 11.15
CA GLY A 140 4.28 12.29 10.53
C GLY A 140 5.71 12.76 10.62
N SER A 141 5.94 13.97 10.11
CA SER A 141 7.32 14.46 9.93
C SER A 141 8.01 14.86 11.22
N ASN A 142 7.27 15.05 12.32
CA ASN A 142 7.90 15.69 13.50
C ASN A 142 8.25 14.73 14.64
N VAL A 143 8.20 13.42 14.40
CA VAL A 143 8.66 12.47 15.39
C VAL A 143 10.15 12.13 15.16
N THR A 144 10.80 11.68 16.22
CA THR A 144 12.17 11.10 16.13
C THR A 144 12.05 9.62 16.37
N ILE A 145 12.98 8.87 15.77
CA ILE A 145 12.91 7.44 15.80
C ILE A 145 14.27 6.90 16.25
N ALA A 146 14.20 5.72 16.85
CA ALA A 146 15.34 4.88 17.19
C ALA A 146 15.16 3.61 16.40
N VAL A 147 16.27 3.04 15.96
CA VAL A 147 16.25 1.75 15.25
C VAL A 147 17.42 0.95 15.83
N GLN A 148 17.30 -0.37 15.77
CA GLN A 148 18.46 -1.23 15.99
C GLN A 148 19.50 -0.96 14.91
N ASP A 149 20.75 -1.17 15.26
CA ASP A 149 21.85 -0.94 14.37
C ASP A 149 22.76 -2.16 14.46
N PRO A 150 22.62 -3.11 13.51
CA PRO A 150 21.87 -3.03 12.24
C PRO A 150 20.38 -3.38 12.32
N SER A 151 19.64 -3.01 11.28
CA SER A 151 18.26 -3.50 11.07
C SER A 151 17.86 -3.30 9.62
N TYR A 152 16.77 -3.96 9.26
CA TYR A 152 16.15 -3.79 7.95
C TYR A 152 16.12 -2.30 7.52
N PRO A 153 16.68 -1.95 6.31
CA PRO A 153 16.85 -0.53 5.96
C PRO A 153 15.58 0.30 5.67
N ALA A 154 14.46 -0.36 5.41
CA ALA A 154 13.16 0.32 5.28
C ALA A 154 12.75 1.26 6.45
N TYR A 155 13.08 0.91 7.70
CA TYR A 155 12.74 1.84 8.83
C TYR A 155 13.41 3.20 8.66
N VAL A 156 14.73 3.17 8.57
CA VAL A 156 15.51 4.38 8.32
C VAL A 156 14.99 5.08 7.06
N ASP A 157 14.84 4.33 5.97
CA ASP A 157 14.47 4.97 4.71
C ASP A 157 13.12 5.65 4.73
N SER A 158 12.12 4.99 5.31
CA SER A 158 10.82 5.59 5.48
C SER A 158 10.90 6.87 6.35
N SER A 159 11.81 6.87 7.31
CA SER A 159 11.99 8.00 8.21
C SER A 159 12.57 9.24 7.43
N VAL A 160 13.60 9.00 6.64
CA VAL A 160 14.15 10.06 5.82
C VAL A 160 13.06 10.66 4.91
N ILE A 161 12.30 9.78 4.26
CA ILE A 161 11.32 10.19 3.25
C ILE A 161 10.22 11.01 3.91
N MET A 162 9.86 10.69 5.15
CA MET A 162 8.84 11.46 5.83
C MET A 162 9.36 12.76 6.42
N GLY A 163 10.64 13.04 6.36
CA GLY A 163 11.11 14.31 6.88
C GLY A 163 11.50 14.25 8.35
N GLN A 164 11.67 13.04 8.91
CA GLN A 164 11.99 12.85 10.34
C GLN A 164 13.49 13.00 10.69
N THR A 165 14.34 13.21 9.69
CA THR A 165 15.75 13.15 9.87
C THR A 165 16.45 14.38 9.38
N GLY A 166 17.73 14.48 9.72
CA GLY A 166 18.66 15.41 9.07
C GLY A 166 19.35 14.74 7.88
N GLN A 167 20.47 15.32 7.48
CA GLN A 167 21.19 14.89 6.28
C GLN A 167 22.03 13.67 6.62
N PHE A 168 22.32 12.85 5.62
CA PHE A 168 23.27 11.76 5.78
C PHE A 168 24.66 12.29 6.13
N ASN A 169 25.30 11.69 7.11
CA ASN A 169 26.67 12.05 7.44
C ASN A 169 27.56 10.89 7.03
N THR A 170 28.43 11.13 6.05
CA THR A 170 29.22 10.04 5.48
C THR A 170 30.42 9.65 6.36
N ASP A 171 30.74 10.44 7.39
CA ASP A 171 31.80 10.11 8.35
C ASP A 171 31.38 8.98 9.33
N VAL A 172 30.14 9.05 9.82
CA VAL A 172 29.57 8.02 10.69
C VAL A 172 28.61 7.05 9.95
N GLN A 173 28.38 7.30 8.66
CA GLN A 173 27.37 6.58 7.83
C GLN A 173 25.95 6.55 8.46
N LYS A 174 25.53 7.68 9.00
CA LYS A 174 24.22 7.77 9.65
C LYS A 174 23.45 8.99 9.15
N TYR A 175 22.13 8.92 9.14
CA TYR A 175 21.32 10.14 9.00
C TYR A 175 21.18 10.85 10.32
N GLY A 176 21.26 12.17 10.30
CA GLY A 176 21.19 12.97 11.54
C GLY A 176 19.84 12.77 12.22
N ASN A 177 19.82 12.80 13.55
CA ASN A 177 18.55 12.83 14.26
C ASN A 177 17.85 11.45 14.42
N ILE A 178 18.45 10.40 13.92
CA ILE A 178 18.01 9.02 14.18
C ILE A 178 18.90 8.43 15.30
N GLU A 179 18.27 7.82 16.29
CA GLU A 179 19.03 7.15 17.33
C GLU A 179 19.32 5.69 16.90
N TYR A 180 20.55 5.40 16.52
CA TYR A 180 20.94 4.08 16.07
C TYR A 180 21.41 3.25 17.27
N MET A 181 20.70 2.20 17.64
CA MET A 181 20.98 1.48 18.92
C MET A 181 21.86 0.28 18.58
N ARG A 182 23.12 0.36 18.97
CA ARG A 182 24.09 -0.58 18.51
C ARG A 182 23.89 -1.96 19.15
N CYS A 183 23.83 -2.97 18.29
CA CYS A 183 23.58 -4.37 18.61
C CYS A 183 24.77 -5.18 18.08
N THR A 184 25.55 -5.72 19.01
CA THR A 184 26.87 -6.29 18.69
C THR A 184 27.01 -7.66 19.37
N PRO A 185 28.00 -8.46 18.95
CA PRO A 185 28.27 -9.67 19.75
C PRO A 185 28.55 -9.36 21.22
N GLU A 186 29.27 -8.25 21.49
CA GLU A 186 29.65 -7.86 22.85
C GLU A 186 28.50 -7.41 23.74
N ASN A 187 27.37 -7.02 23.15
CA ASN A 187 26.21 -6.74 24.02
C ASN A 187 25.11 -7.76 23.78
N GLY A 188 25.46 -8.89 23.15
CA GLY A 188 24.47 -9.92 22.88
C GLY A 188 23.34 -9.45 21.95
N PHE A 189 23.67 -8.51 21.05
CA PHE A 189 22.75 -8.00 20.00
C PHE A 189 21.50 -7.33 20.54
N PHE A 190 21.58 -6.89 21.78
CA PHE A 190 20.54 -6.10 22.43
C PHE A 190 21.14 -4.79 22.89
N PRO A 191 20.50 -3.66 22.57
CA PRO A 191 21.17 -2.44 22.98
C PRO A 191 21.37 -2.22 24.48
N ASP A 192 22.38 -1.46 24.82
CA ASP A 192 22.55 -0.99 26.17
C ASP A 192 21.66 0.25 26.35
N LEU A 193 20.46 0.04 26.85
CA LEU A 193 19.44 1.10 26.90
C LEU A 193 19.88 2.33 27.70
N SER A 194 20.81 2.10 28.64
CA SER A 194 21.27 3.17 29.50
C SER A 194 22.05 4.14 28.66
N THR A 195 22.48 3.72 27.46
CA THR A 195 23.15 4.65 26.55
C THR A 195 22.29 5.22 25.40
N VAL A 196 21.01 4.85 25.34
CA VAL A 196 20.15 5.27 24.21
C VAL A 196 19.37 6.54 24.58
N GLY A 197 19.48 7.56 23.71
CA GLY A 197 18.74 8.80 23.85
C GLY A 197 17.23 8.61 23.61
N ARG A 198 16.41 9.45 24.25
CA ARG A 198 14.98 9.35 24.08
C ARG A 198 14.60 9.69 22.65
N THR A 199 13.63 8.94 22.10
CA THR A 199 13.06 9.31 20.80
C THR A 199 11.56 9.13 20.98
N ASP A 200 10.77 9.54 19.98
CA ASP A 200 9.33 9.29 20.06
C ASP A 200 9.01 7.83 19.78
N ILE A 201 9.62 7.30 18.73
CA ILE A 201 9.32 5.96 18.25
C ILE A 201 10.56 5.08 18.39
N ILE A 202 10.34 3.82 18.74
CA ILE A 202 11.40 2.82 18.78
C ILE A 202 10.99 1.66 17.85
N PHE A 203 11.62 1.55 16.69
CA PHE A 203 11.40 0.39 15.82
C PHE A 203 12.29 -0.75 16.36
N PHE A 204 11.67 -1.87 16.70
CA PHE A 204 12.35 -3.01 17.32
C PHE A 204 11.87 -4.32 16.67
N CYS A 205 12.80 -5.04 16.06
CA CYS A 205 12.47 -6.22 15.29
C CYS A 205 13.09 -7.43 16.05
N SER A 206 12.23 -8.40 16.44
CA SER A 206 12.67 -9.62 17.08
C SER A 206 11.85 -10.80 16.56
N PRO A 207 12.51 -11.87 16.02
CA PRO A 207 13.93 -12.00 15.72
C PRO A 207 14.38 -10.92 14.73
N ASN A 208 15.54 -10.33 14.96
CA ASN A 208 16.01 -9.17 14.18
C ASN A 208 16.52 -9.67 12.83
N ASN A 209 16.23 -8.90 11.78
CA ASN A 209 16.84 -9.02 10.47
C ASN A 209 17.78 -7.81 10.40
N PRO A 210 19.08 -8.05 10.27
CA PRO A 210 19.80 -9.23 9.78
C PRO A 210 20.44 -10.17 10.81
N THR A 211 20.46 -9.82 12.11
CA THR A 211 21.34 -10.52 13.07
C THR A 211 20.81 -11.91 13.50
N GLY A 212 19.51 -12.12 13.31
CA GLY A 212 18.78 -13.29 13.77
C GLY A 212 18.49 -13.31 15.28
N ALA A 213 18.90 -12.27 16.00
CA ALA A 213 18.82 -12.31 17.45
C ALA A 213 17.39 -12.08 17.93
N ALA A 214 16.97 -12.88 18.91
CA ALA A 214 15.62 -12.72 19.43
C ALA A 214 15.77 -12.31 20.87
N ALA A 215 15.09 -11.23 21.21
CA ALA A 215 15.13 -10.64 22.52
C ALA A 215 14.48 -11.58 23.54
N THR A 216 15.10 -11.68 24.71
CA THR A 216 14.57 -12.53 25.74
C THR A 216 13.43 -11.81 26.44
N ARG A 217 12.73 -12.55 27.30
CA ARG A 217 11.70 -11.94 28.09
C ARG A 217 12.26 -10.81 28.96
N GLU A 218 13.43 -11.03 29.57
CA GLU A 218 14.02 -10.03 30.44
C GLU A 218 14.39 -8.76 29.63
N GLN A 219 14.95 -8.94 28.43
CA GLN A 219 15.27 -7.81 27.53
C GLN A 219 14.01 -7.01 27.08
N LEU A 220 12.96 -7.70 26.65
CA LEU A 220 11.73 -7.04 26.24
C LEU A 220 11.09 -6.30 27.42
N THR A 221 11.23 -6.88 28.62
CA THR A 221 10.78 -6.18 29.86
C THR A 221 11.58 -4.89 30.01
N GLN A 222 12.90 -4.93 29.87
CA GLN A 222 13.68 -3.68 29.87
C GLN A 222 13.23 -2.68 28.80
N LEU A 223 12.98 -3.20 27.60
CA LEU A 223 12.52 -2.35 26.50
C LEU A 223 11.20 -1.64 26.81
N VAL A 224 10.20 -2.38 27.30
CA VAL A 224 8.93 -1.78 27.71
C VAL A 224 9.09 -0.75 28.84
N GLU A 225 9.94 -1.06 29.83
CA GLU A 225 10.20 -0.11 30.93
C GLU A 225 10.86 1.16 30.44
N PHE A 226 11.80 1.00 29.52
CA PHE A 226 12.48 2.14 28.87
C PHE A 226 11.49 3.07 28.12
N ALA A 227 10.64 2.46 27.32
CA ALA A 227 9.64 3.20 26.54
C ALA A 227 8.65 3.89 27.49
N LYS A 228 8.23 3.18 28.54
CA LYS A 228 7.34 3.79 29.56
C LYS A 228 8.00 5.02 30.22
N LYS A 229 9.23 4.87 30.67
CA LYS A 229 9.95 6.00 31.27
C LYS A 229 10.12 7.17 30.28
N ASN A 230 10.44 6.85 29.02
CA ASN A 230 10.67 7.88 28.02
C ASN A 230 9.36 8.37 27.37
N GLY A 231 8.23 7.73 27.64
CA GLY A 231 6.99 8.08 26.94
C GLY A 231 7.12 7.86 25.40
N SER A 232 7.75 6.74 25.01
CA SER A 232 7.90 6.35 23.60
C SER A 232 6.89 5.31 23.15
N ILE A 233 6.75 5.17 21.82
CA ILE A 233 5.94 4.12 21.23
C ILE A 233 6.90 3.13 20.60
N ILE A 234 6.76 1.86 20.97
CA ILE A 234 7.55 0.79 20.33
C ILE A 234 6.72 0.26 19.19
N VAL A 235 7.36 0.14 18.04
CA VAL A 235 6.75 -0.54 16.91
C VAL A 235 7.52 -1.85 16.85
N TYR A 236 6.87 -2.92 17.28
CA TYR A 236 7.57 -4.19 17.39
C TYR A 236 7.26 -5.03 16.16
N ASP A 237 8.27 -5.37 15.39
CA ASP A 237 8.13 -6.17 14.18
C ASP A 237 8.43 -7.65 14.50
N SER A 238 7.39 -8.47 14.58
CA SER A 238 7.52 -9.89 14.86
C SER A 238 7.50 -10.77 13.59
N ALA A 239 7.84 -10.20 12.44
CA ALA A 239 7.74 -10.93 11.15
C ALA A 239 8.28 -12.36 11.21
N TYR A 240 9.43 -12.54 11.84
CA TYR A 240 10.12 -13.83 11.87
C TYR A 240 9.84 -14.65 13.17
N ALA A 241 8.81 -14.27 13.91
CA ALA A 241 8.55 -14.92 15.18
C ALA A 241 8.28 -16.45 15.04
N MET A 242 7.73 -16.88 13.92
CA MET A 242 7.45 -18.32 13.73
C MET A 242 8.72 -19.17 13.63
N TYR A 243 9.87 -18.56 13.43
CA TYR A 243 11.11 -19.31 13.45
C TYR A 243 11.70 -19.43 14.82
N MET A 244 11.01 -18.88 15.83
CA MET A 244 11.59 -18.90 17.19
C MET A 244 11.85 -20.35 17.62
N SER A 245 13.07 -20.64 18.07
CA SER A 245 13.43 -21.94 18.63
C SER A 245 13.68 -21.79 20.11
N ASP A 246 14.46 -20.78 20.51
CA ASP A 246 14.67 -20.50 21.92
C ASP A 246 13.32 -20.15 22.57
N ASP A 247 13.26 -20.28 23.90
CA ASP A 247 12.02 -20.04 24.64
C ASP A 247 11.94 -18.54 24.94
N ASN A 248 11.57 -17.73 23.95
CA ASN A 248 11.52 -16.28 24.06
C ASN A 248 10.11 -15.85 23.64
N PRO A 249 9.61 -14.73 24.17
CA PRO A 249 8.31 -14.23 23.67
C PRO A 249 8.32 -13.98 22.16
N ARG A 250 7.21 -14.34 21.54
CA ARG A 250 7.00 -14.08 20.13
C ARG A 250 6.26 -12.77 19.92
N SER A 251 5.55 -12.30 20.94
CA SER A 251 4.82 -11.03 20.85
C SER A 251 5.20 -10.13 21.98
N ILE A 252 5.31 -8.82 21.67
CA ILE A 252 5.61 -7.81 22.69
C ILE A 252 4.51 -7.76 23.76
N PHE A 253 3.30 -8.14 23.40
CA PHE A 253 2.18 -8.07 24.34
C PHE A 253 2.25 -9.15 25.41
N GLU A 254 3.19 -10.10 25.28
CA GLU A 254 3.51 -11.01 26.40
C GLU A 254 4.15 -10.28 27.59
N ILE A 255 4.60 -9.04 27.39
CA ILE A 255 5.22 -8.24 28.48
C ILE A 255 4.13 -7.34 29.11
N PRO A 256 3.76 -7.59 30.38
CA PRO A 256 2.77 -6.69 31.02
C PRO A 256 3.21 -5.24 30.92
N GLY A 257 2.28 -4.35 30.57
CA GLY A 257 2.65 -2.97 30.34
C GLY A 257 2.86 -2.60 28.89
N ALA A 258 3.10 -3.60 28.01
CA ALA A 258 3.35 -3.33 26.59
C ALA A 258 2.15 -2.65 25.92
N GLU A 259 0.97 -2.94 26.42
CA GLU A 259 -0.27 -2.35 25.92
C GLU A 259 -0.37 -0.81 26.11
N GLU A 260 0.46 -0.22 26.99
CA GLU A 260 0.54 1.25 27.15
C GLU A 260 1.56 1.96 26.23
N VAL A 261 2.45 1.19 25.60
CA VAL A 261 3.61 1.77 24.90
C VAL A 261 3.95 1.07 23.60
N ALA A 262 3.27 -0.02 23.25
CA ALA A 262 3.68 -0.77 22.06
C ALA A 262 2.55 -1.05 21.09
N MET A 263 2.93 -1.16 19.81
CA MET A 263 2.14 -1.83 18.80
C MET A 263 3.02 -2.92 18.14
N GLU A 264 2.40 -3.78 17.35
CA GLU A 264 3.11 -4.89 16.77
C GLU A 264 2.69 -4.99 15.33
N THR A 265 3.66 -5.27 14.48
CA THR A 265 3.36 -5.42 13.07
C THR A 265 3.96 -6.76 12.62
N ALA A 266 3.32 -7.43 11.67
CA ALA A 266 3.85 -8.67 11.16
C ALA A 266 3.40 -8.88 9.70
N SER A 267 4.12 -9.71 8.98
CA SER A 267 3.84 -9.99 7.55
C SER A 267 3.42 -11.43 7.47
N PHE A 268 2.28 -11.69 6.84
CA PHE A 268 1.84 -13.04 6.69
C PHE A 268 2.87 -13.89 5.93
N SER A 269 3.45 -13.32 4.89
CA SER A 269 4.37 -14.10 4.08
C SER A 269 5.56 -14.57 4.89
N LYS A 270 6.10 -13.68 5.72
CA LYS A 270 7.20 -14.03 6.62
C LYS A 270 6.78 -15.04 7.70
N TYR A 271 5.53 -14.97 8.14
CA TYR A 271 5.00 -15.88 9.19
C TYR A 271 4.77 -17.26 8.68
N ALA A 272 4.25 -17.32 7.45
CA ALA A 272 3.84 -18.56 6.86
C ALA A 272 5.03 -19.24 6.22
N GLY A 273 6.08 -18.48 5.93
CA GLY A 273 7.26 -19.01 5.22
C GLY A 273 7.04 -19.19 3.71
N PHE A 274 6.08 -18.47 3.15
CA PHE A 274 5.82 -18.50 1.70
C PHE A 274 5.07 -17.27 1.23
N THR A 275 5.33 -16.89 -0.01
CA THR A 275 4.70 -15.73 -0.62
C THR A 275 3.30 -16.11 -1.12
N GLY A 276 2.63 -15.22 -1.84
CA GLY A 276 1.28 -15.52 -2.34
C GLY A 276 0.09 -15.02 -1.54
N VAL A 277 0.19 -15.04 -0.20
CA VAL A 277 -0.82 -14.38 0.64
C VAL A 277 -0.25 -13.00 0.93
N ARG A 278 -0.71 -12.00 0.20
CA ARG A 278 -0.05 -10.69 0.18
C ARG A 278 -0.79 -9.84 1.18
N LEU A 279 -0.28 -9.83 2.41
CA LEU A 279 -1.14 -9.54 3.54
C LEU A 279 -0.30 -9.37 4.82
N GLY A 280 -0.60 -8.32 5.56
CA GLY A 280 0.10 -8.08 6.84
C GLY A 280 -0.89 -7.65 7.89
N TRP A 281 -0.42 -7.46 9.12
CA TRP A 281 -1.27 -6.84 10.10
C TRP A 281 -0.50 -5.98 11.09
N THR A 282 -1.24 -5.12 11.77
CA THR A 282 -0.72 -4.27 12.81
C THR A 282 -1.73 -4.36 13.91
N VAL A 283 -1.21 -4.57 15.12
CA VAL A 283 -2.03 -4.63 16.31
C VAL A 283 -1.74 -3.39 17.12
N ILE A 284 -2.78 -2.62 17.40
CA ILE A 284 -2.56 -1.40 18.19
C ILE A 284 -3.53 -1.48 19.37
N PRO A 285 -2.99 -1.54 20.61
CA PRO A 285 -3.89 -1.78 21.75
C PRO A 285 -4.68 -0.50 22.17
N LYS A 286 -5.81 -0.69 22.87
CA LYS A 286 -6.65 0.42 23.29
C LYS A 286 -5.95 1.38 24.24
N LYS A 287 -4.95 0.89 24.96
CA LYS A 287 -4.28 1.71 25.98
C LYS A 287 -3.11 2.54 25.47
N LEU A 288 -2.87 2.48 24.14
CA LEU A 288 -1.74 3.22 23.57
C LEU A 288 -2.20 4.61 23.17
N LEU A 289 -1.68 5.64 23.84
CA LEU A 289 -2.25 6.98 23.66
C LEU A 289 -1.18 7.95 23.33
N TYR A 290 -1.51 8.92 22.49
CA TYR A 290 -0.64 10.03 22.28
C TYR A 290 -0.62 10.90 23.56
N SER A 291 0.28 11.87 23.60
CA SER A 291 0.42 12.75 24.78
C SER A 291 -0.83 13.56 25.15
N ASP A 292 -1.78 13.70 24.23
CA ASP A 292 -3.02 14.42 24.55
C ASP A 292 -4.14 13.47 24.91
N GLY A 293 -3.81 12.19 25.08
CA GLY A 293 -4.81 11.25 25.44
C GLY A 293 -5.48 10.60 24.23
N PHE A 294 -5.19 11.06 23.02
CA PHE A 294 -5.88 10.54 21.83
C PHE A 294 -5.35 9.13 21.51
N PRO A 295 -6.23 8.14 21.27
CA PRO A 295 -5.73 6.75 20.98
C PRO A 295 -5.11 6.63 19.60
N VAL A 296 -3.91 6.10 19.59
CA VAL A 296 -3.14 5.92 18.38
C VAL A 296 -3.94 5.07 17.38
N ALA A 297 -4.62 4.00 17.84
CA ALA A 297 -5.42 3.18 16.93
C ALA A 297 -6.44 3.95 16.10
N LYS A 298 -7.02 5.01 16.66
CA LYS A 298 -8.04 5.81 15.93
C LYS A 298 -7.45 6.53 14.70
N ASP A 299 -6.22 7.02 14.85
CA ASP A 299 -5.52 7.61 13.72
C ASP A 299 -5.11 6.61 12.68
N PHE A 300 -4.67 5.43 13.12
CA PHE A 300 -4.29 4.44 12.14
C PHE A 300 -5.50 4.02 11.29
N ASN A 301 -6.62 3.85 11.98
CA ASN A 301 -7.86 3.49 11.32
C ASN A 301 -8.27 4.57 10.29
N ARG A 302 -7.99 5.82 10.63
CA ARG A 302 -8.38 6.97 9.81
C ARG A 302 -7.52 7.02 8.55
N ILE A 303 -6.24 6.68 8.71
CA ILE A 303 -5.28 6.56 7.61
C ILE A 303 -5.67 5.41 6.69
N ILE A 304 -6.14 4.29 7.24
CA ILE A 304 -6.57 3.20 6.37
C ILE A 304 -7.78 3.59 5.50
N CYS A 305 -8.62 4.50 6.00
CA CYS A 305 -9.81 5.03 5.27
C CYS A 305 -9.51 6.08 4.19
N THR A 306 -8.22 6.33 3.93
CA THR A 306 -7.76 7.20 2.85
C THR A 306 -6.78 6.50 1.87
N CYS A 307 -5.95 5.60 2.40
CA CYS A 307 -4.89 4.88 1.63
C CYS A 307 -5.29 3.52 1.05
N PHE A 308 -6.56 3.12 1.25
CA PHE A 308 -6.93 1.71 1.17
C PHE A 308 -8.41 1.51 0.84
N ASN A 309 -8.77 0.28 0.53
CA ASN A 309 -10.17 -0.13 0.36
C ASN A 309 -10.36 -1.42 1.15
N GLY A 310 -9.33 -2.29 1.12
CA GLY A 310 -9.29 -3.56 1.83
C GLY A 310 -8.20 -4.50 1.31
N ALA A 311 -7.76 -5.44 2.16
CA ALA A 311 -6.93 -6.57 1.72
C ALA A 311 -7.65 -7.37 0.62
N SER A 312 -6.91 -7.98 -0.32
CA SER A 312 -7.55 -8.68 -1.45
C SER A 312 -8.26 -9.91 -0.92
N ASN A 313 -9.47 -10.16 -1.39
CA ASN A 313 -10.23 -11.28 -0.85
C ASN A 313 -9.70 -12.65 -1.16
N ILE A 314 -8.92 -12.77 -2.23
CA ILE A 314 -8.25 -14.04 -2.52
C ILE A 314 -7.11 -14.28 -1.50
N SER A 315 -6.32 -13.24 -1.23
CA SER A 315 -5.29 -13.29 -0.20
C SER A 315 -5.87 -13.60 1.20
N GLN A 316 -7.00 -12.98 1.51
CA GLN A 316 -7.73 -13.23 2.74
C GLN A 316 -8.19 -14.66 2.86
N ALA A 317 -8.71 -15.23 1.75
CA ALA A 317 -9.08 -16.62 1.74
C ALA A 317 -7.87 -17.54 2.04
N GLY A 318 -6.72 -17.18 1.50
CA GLY A 318 -5.51 -17.97 1.73
C GLY A 318 -5.06 -17.82 3.20
N ALA A 319 -5.11 -16.60 3.70
CA ALA A 319 -4.73 -16.32 5.08
C ALA A 319 -5.65 -17.06 6.06
N LEU A 320 -6.95 -17.02 5.79
CA LEU A 320 -7.88 -17.78 6.60
C LEU A 320 -7.60 -19.27 6.59
N ALA A 321 -7.28 -19.81 5.39
CA ALA A 321 -6.86 -21.21 5.28
C ALA A 321 -5.60 -21.50 6.06
N CYS A 322 -4.71 -20.52 6.19
CA CYS A 322 -3.50 -20.73 6.96
C CYS A 322 -3.80 -20.97 8.47
N LEU A 323 -4.83 -20.29 8.99
CA LEU A 323 -5.09 -20.26 10.43
C LEU A 323 -6.08 -21.38 10.81
N THR A 324 -5.69 -22.60 10.44
CA THR A 324 -6.50 -23.81 10.67
C THR A 324 -5.50 -24.88 11.02
N PRO A 325 -5.97 -26.04 11.58
CA PRO A 325 -5.00 -27.10 11.86
C PRO A 325 -4.16 -27.46 10.62
N GLU A 326 -4.82 -27.66 9.48
CA GLU A 326 -4.10 -28.07 8.28
C GLU A 326 -3.13 -26.94 7.81
N GLY A 327 -3.54 -25.67 7.89
CA GLY A 327 -2.63 -24.54 7.51
C GLY A 327 -1.45 -24.37 8.45
N LEU A 328 -1.72 -24.42 9.76
CA LEU A 328 -0.62 -24.38 10.74
C LEU A 328 0.35 -25.54 10.55
N GLU A 329 -0.18 -26.70 10.21
CA GLU A 329 0.73 -27.81 10.00
C GLU A 329 1.65 -27.58 8.75
N ALA A 330 1.05 -27.12 7.68
CA ALA A 330 1.82 -26.78 6.44
C ALA A 330 2.85 -25.66 6.71
N MET A 331 2.46 -24.63 7.47
CA MET A 331 3.39 -23.56 7.87
C MET A 331 4.56 -24.07 8.69
N HIS A 332 4.27 -24.91 9.68
CA HIS A 332 5.32 -25.49 10.51
C HIS A 332 6.35 -26.32 9.69
N LYS A 333 5.83 -27.06 8.70
CA LYS A 333 6.64 -27.91 7.87
C LYS A 333 7.60 -27.06 7.00
N VAL A 334 7.06 -26.02 6.38
CA VAL A 334 7.81 -25.08 5.54
C VAL A 334 8.88 -24.42 6.39
N ILE A 335 8.48 -23.91 7.55
CA ILE A 335 9.44 -23.31 8.47
C ILE A 335 10.58 -24.26 8.88
N GLY A 336 10.20 -25.49 9.19
CA GLY A 336 11.14 -26.57 9.50
C GLY A 336 12.13 -26.81 8.36
N PHE A 337 11.67 -26.72 7.13
CA PHE A 337 12.57 -26.88 5.99
C PHE A 337 13.64 -25.76 5.97
N TYR A 338 13.20 -24.51 6.16
CA TYR A 338 14.15 -23.40 6.13
C TYR A 338 15.07 -23.44 7.31
N LYS A 339 14.58 -23.94 8.44
CA LYS A 339 15.46 -24.09 9.62
C LYS A 339 16.54 -25.15 9.40
N GLU A 340 16.24 -26.20 8.66
CA GLU A 340 17.30 -27.16 8.34
C GLU A 340 18.30 -26.54 7.34
N ASN A 341 17.80 -25.76 6.36
CA ASN A 341 18.70 -24.97 5.51
C ASN A 341 19.63 -24.09 6.34
N THR A 342 19.11 -23.37 7.32
CA THR A 342 19.94 -22.54 8.20
C THR A 342 21.03 -23.35 8.94
N ASN A 343 20.67 -24.54 9.42
CA ASN A 343 21.66 -25.40 10.11
C ASN A 343 22.83 -25.78 9.23
N ILE A 344 22.51 -26.10 7.97
CA ILE A 344 23.53 -26.46 7.00
C ILE A 344 24.51 -25.31 6.84
N ILE A 345 23.96 -24.09 6.71
CA ILE A 345 24.79 -22.90 6.56
C ILE A 345 25.62 -22.59 7.79
N ILE A 346 25.02 -22.68 8.98
CA ILE A 346 25.74 -22.46 10.24
C ILE A 346 26.95 -23.42 10.33
N ASP A 347 26.70 -24.70 10.11
CA ASP A 347 27.75 -25.74 10.25
C ASP A 347 28.86 -25.51 9.24
N THR A 348 28.48 -25.06 8.05
CA THR A 348 29.47 -24.73 7.02
C THR A 348 30.41 -23.63 7.51
N PHE A 349 29.86 -22.48 7.92
CA PHE A 349 30.74 -21.42 8.36
C PHE A 349 31.48 -21.71 9.68
N THR A 350 30.83 -22.43 10.58
CA THR A 350 31.45 -22.79 11.86
C THR A 350 32.66 -23.70 11.63
N SER A 351 32.47 -24.71 10.78
CA SER A 351 33.57 -25.62 10.45
C SER A 351 34.70 -24.90 9.72
N LEU A 352 34.37 -23.81 9.00
CA LEU A 352 35.41 -23.03 8.34
C LEU A 352 36.17 -22.08 9.28
N GLY A 353 35.78 -22.06 10.56
CA GLY A 353 36.47 -21.22 11.55
C GLY A 353 35.88 -19.84 11.83
N TYR A 354 34.70 -19.54 11.28
CA TYR A 354 34.06 -18.23 11.47
C TYR A 354 33.18 -18.14 12.70
N ASP A 355 33.09 -16.93 13.28
CA ASP A 355 32.02 -16.63 14.22
C ASP A 355 30.71 -16.42 13.46
N VAL A 356 29.75 -17.26 13.77
CA VAL A 356 28.49 -17.31 13.10
C VAL A 356 27.44 -16.99 14.15
N TYR A 357 26.62 -16.00 13.85
CA TYR A 357 25.49 -15.61 14.68
C TYR A 357 24.12 -15.80 14.01
N GLY A 358 23.07 -15.69 14.82
CA GLY A 358 21.74 -15.86 14.29
C GLY A 358 21.55 -17.30 13.90
N GLY A 359 20.62 -17.56 13.01
CA GLY A 359 20.34 -18.91 12.58
C GLY A 359 19.45 -19.75 13.50
N LYS A 360 19.50 -19.50 14.81
CA LYS A 360 18.69 -20.27 15.76
C LYS A 360 17.21 -19.92 15.68
N ASN A 361 16.92 -18.62 15.65
CA ASN A 361 15.56 -18.11 15.71
C ASN A 361 15.08 -17.39 14.45
N ALA A 362 15.79 -17.59 13.34
CA ALA A 362 15.49 -16.87 12.12
C ALA A 362 16.13 -17.59 10.91
N PRO A 363 15.61 -17.37 9.70
CA PRO A 363 16.08 -18.09 8.50
C PRO A 363 17.25 -17.38 7.74
N TYR A 364 18.16 -16.80 8.47
CA TYR A 364 19.40 -16.28 7.87
C TYR A 364 20.46 -16.32 8.95
N VAL A 365 21.71 -16.22 8.52
CA VAL A 365 22.85 -16.31 9.42
C VAL A 365 23.65 -15.06 9.26
N TRP A 366 24.29 -14.63 10.33
CA TRP A 366 24.96 -13.36 10.36
C TRP A 366 26.42 -13.69 10.65
N VAL A 367 27.26 -13.61 9.62
CA VAL A 367 28.63 -14.16 9.70
C VAL A 367 29.62 -13.01 9.89
N HIS A 368 30.54 -13.15 10.84
CA HIS A 368 31.46 -12.07 11.15
C HIS A 368 32.70 -12.19 10.24
N PHE A 369 33.01 -11.13 9.51
CA PHE A 369 34.21 -11.12 8.64
C PHE A 369 35.02 -9.93 9.15
N PRO A 370 35.67 -10.07 10.32
CA PRO A 370 36.33 -8.88 10.89
C PRO A 370 37.49 -8.44 9.98
N ASN A 371 37.84 -7.18 10.01
CA ASN A 371 38.96 -6.70 9.17
C ASN A 371 38.78 -6.74 7.64
N GLN A 372 37.54 -6.89 7.13
CA GLN A 372 37.20 -6.54 5.74
C GLN A 372 35.93 -5.71 5.73
N SER A 373 35.77 -4.82 4.76
CA SER A 373 34.48 -4.19 4.56
C SER A 373 33.49 -5.25 4.06
N SER A 374 32.26 -5.18 4.53
CA SER A 374 31.24 -6.14 4.07
C SER A 374 30.95 -6.07 2.57
N TRP A 375 31.03 -4.88 1.98
CA TRP A 375 30.87 -4.80 0.52
C TRP A 375 31.98 -5.58 -0.20
N ASP A 376 33.22 -5.50 0.30
CA ASP A 376 34.32 -6.31 -0.26
C ASP A 376 34.07 -7.77 -0.13
N VAL A 377 33.62 -8.21 1.05
CA VAL A 377 33.30 -9.64 1.21
C VAL A 377 32.20 -10.02 0.22
N PHE A 378 31.16 -9.20 0.15
CA PHE A 378 30.06 -9.50 -0.76
C PHE A 378 30.62 -9.67 -2.19
N ALA A 379 31.44 -8.71 -2.60
CA ALA A 379 32.00 -8.71 -3.96
C ALA A 379 32.88 -9.93 -4.17
N GLU A 380 33.69 -10.28 -3.16
CA GLU A 380 34.55 -11.45 -3.32
C GLU A 380 33.80 -12.78 -3.44
N ILE A 381 32.81 -12.97 -2.56
CA ILE A 381 31.97 -14.19 -2.63
C ILE A 381 31.25 -14.29 -3.98
N LEU A 382 30.68 -13.18 -4.44
CA LEU A 382 29.97 -13.19 -5.73
C LEU A 382 30.96 -13.48 -6.87
N GLU A 383 32.09 -12.76 -6.87
CA GLU A 383 33.10 -12.96 -7.91
C GLU A 383 33.55 -14.42 -7.96
N LYS A 384 33.96 -14.96 -6.82
CA LYS A 384 34.53 -16.31 -6.79
C LYS A 384 33.58 -17.48 -6.78
N THR A 385 32.40 -17.33 -6.18
CA THR A 385 31.51 -18.52 -6.09
C THR A 385 30.18 -18.40 -6.83
N HIS A 386 29.91 -17.22 -7.39
CA HIS A 386 28.62 -16.89 -8.03
C HIS A 386 27.44 -16.99 -7.04
N VAL A 387 27.73 -16.80 -5.75
CA VAL A 387 26.69 -16.75 -4.70
C VAL A 387 26.43 -15.30 -4.29
N VAL A 388 25.16 -14.91 -4.27
CA VAL A 388 24.77 -13.61 -3.80
C VAL A 388 24.47 -13.66 -2.30
N THR A 389 25.09 -12.74 -1.57
CA THR A 389 24.83 -12.63 -0.15
C THR A 389 24.40 -11.20 0.09
N THR A 390 24.29 -10.76 1.34
CA THR A 390 23.98 -9.37 1.60
C THR A 390 25.01 -8.74 2.52
N PRO A 391 25.66 -7.65 2.09
CA PRO A 391 26.67 -7.06 2.97
C PRO A 391 26.03 -6.45 4.19
N GLY A 392 26.67 -6.64 5.35
CA GLY A 392 26.16 -6.13 6.60
C GLY A 392 25.91 -4.63 6.61
N SER A 393 26.83 -3.86 6.01
CA SER A 393 26.70 -2.40 5.94
C SER A 393 25.43 -1.94 5.20
N GLY A 394 24.81 -2.83 4.40
CA GLY A 394 23.46 -2.56 3.86
C GLY A 394 22.37 -2.39 4.91
N PHE A 395 22.62 -2.87 6.14
CA PHE A 395 21.66 -2.76 7.24
C PHE A 395 22.03 -1.67 8.25
N GLY A 396 22.83 -0.72 7.79
CA GLY A 396 23.31 0.36 8.65
C GLY A 396 24.75 0.15 9.09
N PRO A 397 25.37 1.16 9.72
CA PRO A 397 26.78 1.15 10.09
C PRO A 397 27.19 0.04 11.08
N GLY A 398 26.29 -0.33 12.02
CA GLY A 398 26.54 -1.45 12.94
C GLY A 398 26.62 -2.81 12.22
N GLY A 399 26.19 -2.87 10.97
CA GLY A 399 26.34 -4.11 10.19
C GLY A 399 27.72 -4.26 9.53
N GLU A 400 28.53 -3.21 9.54
CA GLU A 400 29.86 -3.28 8.92
C GLU A 400 30.67 -4.40 9.62
N GLY A 401 31.35 -5.23 8.86
CA GLY A 401 32.09 -6.31 9.49
C GLY A 401 31.38 -7.64 9.32
N PHE A 402 30.12 -7.62 8.83
CA PHE A 402 29.36 -8.85 8.79
C PHE A 402 28.79 -9.06 7.43
N VAL A 403 28.43 -10.29 7.13
CA VAL A 403 27.64 -10.60 5.94
C VAL A 403 26.43 -11.46 6.33
N ARG A 404 25.27 -11.14 5.77
CA ARG A 404 24.08 -11.94 6.02
C ARG A 404 23.93 -12.96 4.90
N VAL A 405 23.62 -14.19 5.24
CA VAL A 405 23.33 -15.24 4.28
C VAL A 405 21.94 -15.81 4.57
N SER A 406 21.10 -15.82 3.54
CA SER A 406 19.71 -16.25 3.63
C SER A 406 19.64 -17.76 3.46
N ALA A 407 18.70 -18.38 4.17
CA ALA A 407 18.47 -19.83 4.07
C ALA A 407 17.34 -20.14 3.07
N PHE A 408 16.77 -19.13 2.44
CA PHE A 408 15.72 -19.34 1.48
C PHE A 408 16.29 -19.80 0.13
N GLY A 409 16.11 -21.06 -0.19
CA GLY A 409 16.45 -21.63 -1.48
C GLY A 409 16.11 -23.11 -1.42
N HIS A 410 16.10 -23.75 -2.59
CA HIS A 410 15.99 -25.21 -2.69
C HIS A 410 17.15 -25.83 -1.96
N ARG A 411 16.93 -27.02 -1.42
CA ARG A 411 17.91 -27.72 -0.63
C ARG A 411 19.22 -27.89 -1.39
N GLU A 412 19.12 -28.24 -2.67
CA GLU A 412 20.29 -28.48 -3.50
C GLU A 412 21.11 -27.23 -3.64
N ASN A 413 20.43 -26.11 -3.81
CA ASN A 413 21.08 -24.85 -3.98
C ASN A 413 21.83 -24.44 -2.72
N ILE A 414 21.24 -24.71 -1.56
CA ILE A 414 21.90 -24.42 -0.29
C ILE A 414 23.16 -25.30 -0.17
N LEU A 415 23.02 -26.59 -0.49
CA LEU A 415 24.16 -27.50 -0.36
C LEU A 415 25.31 -27.12 -1.31
N GLU A 416 24.95 -26.75 -2.55
CA GLU A 416 25.93 -26.28 -3.56
C GLU A 416 26.59 -24.97 -3.15
N ALA A 417 25.81 -24.03 -2.63
CA ALA A 417 26.42 -22.78 -2.17
C ALA A 417 27.44 -23.05 -1.05
N CYS A 418 27.09 -23.96 -0.15
CA CYS A 418 27.95 -24.28 0.95
C CYS A 418 29.21 -25.02 0.52
N ARG A 419 29.13 -25.90 -0.47
CA ARG A 419 30.42 -26.46 -0.92
C ARG A 419 31.30 -25.41 -1.62
N ARG A 420 30.69 -24.45 -2.31
CA ARG A 420 31.47 -23.37 -2.87
C ARG A 420 32.10 -22.47 -1.79
N PHE A 421 31.36 -22.17 -0.70
CA PHE A 421 31.97 -21.43 0.44
C PHE A 421 33.20 -22.20 0.97
N LYS A 422 33.04 -23.50 1.09
CA LYS A 422 34.08 -24.37 1.63
C LYS A 422 35.35 -24.37 0.76
N GLN A 423 35.18 -24.41 -0.57
CA GLN A 423 36.29 -24.22 -1.50
C GLN A 423 36.97 -22.87 -1.31
N LEU A 424 36.15 -21.82 -1.28
CA LEU A 424 36.66 -20.46 -1.21
C LEU A 424 37.49 -20.18 0.06
N TYR A 425 37.08 -20.76 1.19
CA TYR A 425 37.57 -20.32 2.49
C TYR A 425 38.43 -21.34 3.23
N LYS A 426 38.58 -22.51 2.64
CA LYS A 426 39.43 -23.58 3.18
C LYS A 426 40.77 -23.11 3.81
N HIS A 427 41.50 -22.19 3.16
CA HIS A 427 42.83 -21.78 3.69
C HIS A 427 42.82 -20.57 4.61
N HIS A 428 41.63 -20.11 5.02
CA HIS A 428 41.56 -18.93 5.87
C HIS A 428 41.82 -19.28 7.32
N HIS A 429 41.46 -20.49 7.70
CA HIS A 429 41.57 -20.88 9.11
C HIS A 429 42.08 -22.27 9.34
N HIS A 430 42.56 -22.41 10.56
CA HIS A 430 43.46 -23.42 11.06
C HIS A 430 42.68 -24.48 11.83
N GLU B 19 -4.95 7.32 33.72
CA GLU B 19 -4.40 6.42 32.70
C GLU B 19 -3.05 6.95 32.18
N TYR B 20 -2.20 6.01 31.81
CA TYR B 20 -0.94 6.33 31.24
C TYR B 20 -1.08 6.88 29.79
N LYS B 21 -0.24 7.83 29.42
CA LYS B 21 -0.17 8.36 28.04
C LYS B 21 1.29 8.40 27.70
N THR B 22 1.62 8.21 26.42
CA THR B 22 3.02 8.39 26.03
C THR B 22 3.24 9.89 25.94
N LYS B 23 4.48 10.27 25.66
CA LYS B 23 4.84 11.65 25.38
C LYS B 23 4.93 11.95 23.91
N VAL B 24 4.37 11.08 23.07
CA VAL B 24 4.49 11.30 21.61
C VAL B 24 3.36 12.27 21.19
N SER B 25 3.72 13.39 20.58
CA SER B 25 2.68 14.33 20.10
C SER B 25 1.92 13.76 18.91
N ARG B 26 0.59 13.75 19.00
CA ARG B 26 -0.23 13.42 17.87
C ARG B 26 0.23 14.25 16.65
N ASN B 27 0.24 13.61 15.48
CA ASN B 27 0.55 14.31 14.23
C ASN B 27 -0.46 15.45 14.01
N SER B 28 -0.01 16.71 14.01
CA SER B 28 -0.97 17.82 13.87
C SER B 28 -1.70 17.76 12.52
N ASN B 29 -1.14 17.05 11.52
CA ASN B 29 -1.85 16.85 10.22
C ASN B 29 -3.05 15.96 10.36
N MET B 30 -2.97 14.98 11.29
CA MET B 30 -4.16 14.18 11.59
C MET B 30 -5.21 14.98 12.34
N SER B 31 -4.76 15.82 13.27
CA SER B 31 -5.66 16.74 14.02
C SER B 31 -6.45 17.67 13.09
N LYS B 32 -5.82 18.05 11.97
CA LYS B 32 -6.44 18.97 11.00
C LYS B 32 -7.73 18.46 10.40
N LEU B 33 -7.80 17.17 10.15
CA LEU B 33 -8.92 16.56 9.47
C LEU B 33 -10.24 16.82 10.19
N GLN B 34 -11.30 17.09 9.44
CA GLN B 34 -12.63 17.28 10.03
C GLN B 34 -13.23 15.97 10.49
N ALA B 35 -14.10 16.06 11.48
CA ALA B 35 -14.92 14.93 11.89
C ALA B 35 -15.91 14.64 10.74
N GLY B 36 -16.30 13.37 10.58
CA GLY B 36 -17.32 13.02 9.58
C GLY B 36 -16.81 12.93 8.16
N TYR B 37 -15.64 12.30 7.98
CA TYR B 37 -15.14 11.98 6.66
C TYR B 37 -16.15 11.04 6.01
N LEU B 38 -16.33 11.21 4.69
CA LEU B 38 -17.36 10.51 3.91
C LEU B 38 -17.58 9.04 4.26
N PHE B 39 -16.55 8.23 4.00
CA PHE B 39 -16.62 6.78 4.21
C PHE B 39 -16.92 6.37 5.66
N PRO B 40 -16.10 6.80 6.64
CA PRO B 40 -16.52 6.48 8.02
C PRO B 40 -17.96 6.92 8.32
N GLU B 41 -18.31 8.15 7.97
CA GLU B 41 -19.64 8.69 8.22
C GLU B 41 -20.83 7.87 7.65
N ILE B 42 -20.74 7.49 6.37
CA ILE B 42 -21.79 6.67 5.76
C ILE B 42 -21.85 5.37 6.53
N ALA B 43 -20.66 4.85 6.87
CA ALA B 43 -20.56 3.59 7.63
C ALA B 43 -21.31 3.68 8.95
N ARG B 44 -21.05 4.74 9.74
CA ARG B 44 -21.80 4.98 10.97
C ARG B 44 -23.31 5.00 10.67
N ARG B 45 -23.71 5.81 9.69
CA ARG B 45 -25.13 6.01 9.43
C ARG B 45 -25.85 4.73 8.96
N ARG B 46 -25.17 3.95 8.12
CA ARG B 46 -25.71 2.69 7.62
C ARG B 46 -25.91 1.68 8.76
N SER B 47 -24.90 1.55 9.62
CA SER B 47 -24.97 0.68 10.79
C SER B 47 -26.08 1.09 11.72
N ALA B 48 -26.12 2.37 12.08
CA ALA B 48 -27.21 2.90 12.89
C ALA B 48 -28.60 2.62 12.28
N HIS B 49 -28.69 2.63 10.94
CA HIS B 49 -29.98 2.39 10.29
C HIS B 49 -30.42 0.95 10.53
N LEU B 50 -29.48 0.03 10.41
CA LEU B 50 -29.75 -1.38 10.65
C LEU B 50 -30.04 -1.74 12.10
N LEU B 51 -29.46 -1.00 13.04
CA LEU B 51 -29.86 -1.13 14.44
C LEU B 51 -31.30 -0.72 14.61
N LYS B 52 -31.66 0.43 14.01
CA LYS B 52 -33.01 0.94 14.12
C LYS B 52 -33.99 -0.05 13.43
N TYR B 53 -33.61 -0.53 12.26
CA TYR B 53 -34.46 -1.39 11.43
C TYR B 53 -33.72 -2.63 10.95
N PRO B 54 -33.53 -3.59 11.86
CA PRO B 54 -32.83 -4.82 11.56
C PRO B 54 -33.31 -5.57 10.31
N ASP B 55 -34.60 -5.43 9.99
CA ASP B 55 -35.15 -6.20 8.89
C ASP B 55 -35.29 -5.43 7.58
N ALA B 56 -34.81 -4.18 7.56
CA ALA B 56 -34.88 -3.35 6.35
C ALA B 56 -34.10 -4.02 5.18
N GLN B 57 -34.73 -4.09 4.02
CA GLN B 57 -34.07 -4.51 2.77
C GLN B 57 -33.25 -3.33 2.23
N VAL B 58 -32.05 -3.14 2.77
CA VAL B 58 -31.20 -2.01 2.35
C VAL B 58 -30.59 -2.24 0.95
N ILE B 59 -30.71 -1.24 0.08
CA ILE B 59 -30.03 -1.27 -1.22
C ILE B 59 -28.90 -0.20 -1.19
N SER B 60 -27.67 -0.60 -1.46
CA SER B 60 -26.62 0.42 -1.40
C SER B 60 -26.24 0.96 -2.74
N LEU B 61 -26.54 2.24 -2.97
CA LEU B 61 -26.07 2.95 -4.17
C LEU B 61 -25.13 4.10 -3.78
N GLY B 62 -24.35 3.86 -2.73
CA GLY B 62 -23.35 4.78 -2.16
C GLY B 62 -21.98 4.53 -2.78
N ILE B 63 -20.94 4.40 -1.97
CA ILE B 63 -19.54 4.15 -2.43
C ILE B 63 -19.36 3.29 -3.69
N GLY B 64 -18.79 3.86 -4.76
CA GLY B 64 -18.40 3.12 -5.99
C GLY B 64 -17.71 1.80 -5.65
N ASP B 65 -18.51 0.72 -5.61
CA ASP B 65 -18.05 -0.65 -5.31
C ASP B 65 -18.92 -1.66 -6.09
N THR B 66 -18.32 -2.33 -7.09
CA THR B 66 -19.06 -3.14 -8.09
C THR B 66 -19.66 -4.47 -7.61
N THR B 67 -20.78 -4.83 -8.22
CA THR B 67 -21.65 -5.82 -7.63
C THR B 67 -21.73 -7.14 -8.39
N GLU B 68 -21.30 -7.15 -9.65
CA GLU B 68 -21.48 -8.35 -10.47
C GLU B 68 -20.28 -9.29 -10.34
N PRO B 69 -20.51 -10.61 -10.52
CA PRO B 69 -19.42 -11.59 -10.51
C PRO B 69 -18.29 -11.19 -11.46
N ILE B 70 -17.03 -11.38 -11.08
CA ILE B 70 -15.94 -11.16 -12.01
C ILE B 70 -16.12 -12.12 -13.17
N PRO B 71 -15.92 -11.63 -14.42
CA PRO B 71 -16.07 -12.56 -15.54
C PRO B 71 -15.20 -13.79 -15.36
N GLU B 72 -15.72 -14.91 -15.81
CA GLU B 72 -15.02 -16.18 -15.71
C GLU B 72 -13.66 -16.23 -16.38
N VAL B 73 -13.50 -15.51 -17.51
CA VAL B 73 -12.20 -15.48 -18.17
C VAL B 73 -11.07 -15.00 -17.22
N ILE B 74 -11.41 -14.04 -16.37
CA ILE B 74 -10.43 -13.48 -15.43
C ILE B 74 -10.18 -14.41 -14.21
N THR B 75 -11.25 -14.91 -13.60
CA THR B 75 -11.12 -15.75 -12.36
C THR B 75 -10.47 -17.08 -12.68
N SER B 76 -10.78 -17.63 -13.87
CA SER B 76 -10.07 -18.82 -14.34
C SER B 76 -8.57 -18.62 -14.41
N ALA B 77 -8.12 -17.47 -14.92
CA ALA B 77 -6.69 -17.17 -14.98
C ALA B 77 -6.13 -17.03 -13.56
N MET B 78 -6.91 -16.41 -12.69
CA MET B 78 -6.44 -16.21 -11.29
C MET B 78 -6.30 -17.54 -10.56
N ALA B 79 -7.31 -18.41 -10.70
CA ALA B 79 -7.28 -19.76 -10.08
C ALA B 79 -6.17 -20.61 -10.66
N LYS B 80 -5.96 -20.51 -11.96
CA LYS B 80 -4.86 -21.22 -12.59
C LYS B 80 -3.51 -20.75 -12.06
N LYS B 81 -3.34 -19.45 -11.91
CA LYS B 81 -2.12 -18.96 -11.34
C LYS B 81 -1.98 -19.48 -9.86
N ALA B 82 -3.05 -19.35 -9.07
CA ALA B 82 -3.05 -19.89 -7.68
C ALA B 82 -2.57 -21.33 -7.69
N HIS B 83 -3.18 -22.20 -8.49
CA HIS B 83 -2.71 -23.60 -8.56
C HIS B 83 -1.23 -23.74 -8.90
N GLU B 84 -0.77 -23.00 -9.91
CA GLU B 84 0.64 -23.07 -10.33
C GLU B 84 1.63 -22.67 -9.25
N LEU B 85 1.24 -21.75 -8.38
CA LEU B 85 2.11 -21.39 -7.27
C LEU B 85 2.37 -22.57 -6.28
N SER B 86 1.63 -23.67 -6.39
CA SER B 86 1.93 -24.86 -5.58
C SER B 86 2.82 -25.87 -6.29
N THR B 87 3.28 -25.54 -7.50
CA THR B 87 4.15 -26.42 -8.29
C THR B 87 5.56 -25.83 -8.35
N ILE B 88 6.56 -26.70 -8.52
CA ILE B 88 7.96 -26.23 -8.64
C ILE B 88 8.15 -25.36 -9.89
N GLU B 89 7.68 -25.87 -11.03
CA GLU B 89 7.81 -25.20 -12.34
C GLU B 89 7.05 -23.87 -12.43
N GLY B 90 5.93 -23.76 -11.70
CA GLY B 90 5.10 -22.57 -11.76
C GLY B 90 5.35 -21.57 -10.66
N TYR B 91 6.16 -21.95 -9.67
CA TYR B 91 6.29 -21.09 -8.49
C TYR B 91 7.20 -19.86 -8.63
N SER B 92 6.56 -18.70 -8.60
CA SER B 92 7.18 -17.40 -8.37
C SER B 92 6.46 -16.78 -7.15
N GLY B 93 6.99 -15.68 -6.60
CA GLY B 93 6.39 -15.08 -5.39
C GLY B 93 6.45 -13.57 -5.25
N TYR B 94 7.67 -13.04 -5.19
CA TYR B 94 7.92 -11.60 -5.17
C TYR B 94 7.63 -11.01 -6.54
N GLY B 95 6.80 -9.97 -6.59
CA GLY B 95 6.58 -9.26 -7.86
C GLY B 95 7.73 -8.33 -8.21
N ALA B 96 7.88 -8.02 -9.51
CA ALA B 96 8.68 -6.87 -9.93
C ALA B 96 8.05 -5.67 -9.24
N GLU B 97 8.85 -4.86 -8.55
CA GLU B 97 8.33 -3.77 -7.71
C GLU B 97 7.49 -2.72 -8.48
N GLN B 98 7.90 -2.43 -9.72
CA GLN B 98 7.16 -1.53 -10.62
C GLN B 98 6.07 -2.26 -11.46
N GLY B 99 5.94 -3.56 -11.20
CA GLY B 99 5.00 -4.45 -11.92
C GLY B 99 5.72 -5.30 -12.94
N ALA B 100 5.24 -6.52 -13.17
CA ALA B 100 5.92 -7.40 -14.11
C ALA B 100 5.92 -6.74 -15.49
N LYS B 101 7.02 -6.89 -16.19
CA LYS B 101 7.19 -6.32 -17.52
C LYS B 101 6.06 -6.70 -18.48
N PRO B 102 5.63 -7.98 -18.49
CA PRO B 102 4.55 -8.28 -19.45
C PRO B 102 3.28 -7.46 -19.16
N LEU B 103 2.94 -7.25 -17.88
CA LEU B 103 1.78 -6.41 -17.55
C LEU B 103 2.00 -4.93 -17.92
N ARG B 104 3.19 -4.40 -17.60
CA ARG B 104 3.51 -3.02 -17.96
C ARG B 104 3.38 -2.80 -19.49
N ALA B 105 3.83 -3.77 -20.28
CA ALA B 105 3.82 -3.67 -21.73
C ALA B 105 2.39 -3.77 -22.25
N ALA B 106 1.57 -4.63 -21.65
CA ALA B 106 0.20 -4.74 -22.10
C ALA B 106 -0.63 -3.47 -21.76
N ILE B 107 -0.35 -2.86 -20.61
CA ILE B 107 -1.05 -1.63 -20.26
C ILE B 107 -0.61 -0.52 -21.24
N ALA B 108 0.69 -0.35 -21.41
CA ALA B 108 1.22 0.70 -22.27
C ALA B 108 0.62 0.60 -23.70
N LYS B 109 0.59 -0.60 -24.23
CA LYS B 109 0.08 -0.78 -25.58
C LYS B 109 -1.44 -0.68 -25.66
N THR B 110 -2.14 -1.31 -24.71
CA THR B 110 -3.56 -1.36 -24.79
C THR B 110 -4.14 0.02 -24.59
N PHE B 111 -3.65 0.79 -23.61
CA PHE B 111 -4.32 2.05 -23.28
C PHE B 111 -3.57 3.26 -23.76
N TYR B 112 -2.30 3.08 -24.11
CA TYR B 112 -1.42 4.24 -24.45
C TYR B 112 -0.71 4.09 -25.79
N GLY B 113 -1.12 3.11 -26.60
CA GLY B 113 -0.42 2.87 -27.88
C GLY B 113 -0.56 4.10 -28.78
N GLY B 114 0.55 4.59 -29.31
CA GLY B 114 0.54 5.80 -30.16
C GLY B 114 0.69 7.09 -29.36
N LEU B 115 0.72 7.00 -28.00
CA LEU B 115 0.75 8.23 -27.19
C LEU B 115 2.14 8.57 -26.67
N GLY B 116 3.13 7.86 -27.20
CA GLY B 116 4.52 8.08 -26.85
C GLY B 116 4.88 7.61 -25.44
N ILE B 117 4.19 6.58 -24.96
CA ILE B 117 4.44 6.01 -23.63
C ILE B 117 5.17 4.68 -23.75
N GLY B 118 6.33 4.53 -23.09
CA GLY B 118 7.08 3.28 -23.08
C GLY B 118 6.66 2.38 -21.92
N ASP B 119 7.00 1.10 -22.03
CA ASP B 119 6.71 0.11 -20.99
C ASP B 119 7.32 0.55 -19.64
N ASP B 120 8.49 1.17 -19.73
CA ASP B 120 9.19 1.61 -18.53
C ASP B 120 8.58 2.87 -17.91
N ASP B 121 7.62 3.51 -18.59
CA ASP B 121 6.88 4.65 -18.02
C ASP B 121 5.69 4.23 -17.14
N VAL B 122 5.35 2.94 -17.12
CA VAL B 122 4.16 2.43 -16.45
C VAL B 122 4.56 1.81 -15.09
N PHE B 123 3.96 2.29 -14.00
CA PHE B 123 4.29 1.72 -12.68
C PHE B 123 3.08 1.07 -12.14
N VAL B 124 3.17 -0.24 -11.97
CA VAL B 124 2.04 -1.02 -11.53
C VAL B 124 2.05 -1.09 -9.99
N SER B 125 0.88 -0.90 -9.38
CA SER B 125 0.74 -1.03 -7.93
C SER B 125 -0.42 -1.94 -7.56
N ASP B 126 -0.51 -2.29 -6.27
CA ASP B 126 -1.70 -2.98 -5.71
C ASP B 126 -3.01 -2.17 -5.79
N GLY B 127 -2.94 -0.85 -5.80
CA GLY B 127 -4.18 -0.08 -5.90
C GLY B 127 -4.02 1.40 -6.19
N ALA B 128 -5.15 2.00 -6.57
CA ALA B 128 -5.18 3.39 -7.02
C ALA B 128 -5.42 4.40 -5.91
N LYS B 129 -6.18 3.99 -4.88
CA LYS B 129 -6.43 4.88 -3.74
C LYS B 129 -5.13 5.12 -2.99
N CYS B 130 -4.34 4.06 -2.87
CA CYS B 130 -3.03 4.20 -2.30
C CYS B 130 -2.04 4.81 -3.30
N ASP B 131 -2.36 4.79 -4.58
CA ASP B 131 -1.46 5.43 -5.55
C ASP B 131 -1.46 6.96 -5.30
N ILE B 132 -2.64 7.53 -5.08
CA ILE B 132 -2.74 8.92 -4.62
C ILE B 132 -1.84 9.11 -3.39
N SER B 133 -1.96 8.23 -2.39
CA SER B 133 -1.13 8.27 -1.18
C SER B 133 0.35 8.23 -1.49
N ARG B 134 0.77 7.33 -2.38
CA ARG B 134 2.18 7.18 -2.69
C ARG B 134 2.72 8.40 -3.40
N LEU B 135 1.97 8.89 -4.39
CA LEU B 135 2.33 10.18 -5.04
C LEU B 135 2.49 11.33 -4.06
N GLN B 136 1.57 11.39 -3.12
CA GLN B 136 1.62 12.48 -2.15
C GLN B 136 2.81 12.38 -1.18
N VAL B 137 3.19 11.16 -0.80
CA VAL B 137 4.47 11.01 -0.05
C VAL B 137 5.64 11.48 -0.94
N MET B 138 5.57 11.11 -2.21
CA MET B 138 6.62 11.52 -3.13
C MET B 138 6.69 13.03 -3.25
N PHE B 139 5.56 13.70 -3.51
CA PHE B 139 5.58 15.16 -3.66
C PHE B 139 6.03 15.82 -2.34
N GLY B 140 5.53 15.29 -1.21
CA GLY B 140 5.94 15.81 0.10
C GLY B 140 5.13 16.98 0.61
N SER B 141 5.52 17.49 1.77
CA SER B 141 4.71 18.46 2.50
C SER B 141 4.75 19.87 1.90
N ASN B 142 5.75 20.16 1.07
CA ASN B 142 5.94 21.54 0.62
C ASN B 142 5.34 21.89 -0.76
N VAL B 143 4.42 21.12 -1.30
CA VAL B 143 3.77 21.47 -2.55
C VAL B 143 2.39 21.99 -2.23
N THR B 144 1.83 22.79 -3.12
CA THR B 144 0.45 23.27 -2.98
C THR B 144 -0.33 22.52 -4.05
N ILE B 145 -1.64 22.31 -3.85
CA ILE B 145 -2.44 21.55 -4.81
C ILE B 145 -3.71 22.27 -5.19
N ALA B 146 -4.24 21.88 -6.35
CA ALA B 146 -5.58 22.30 -6.76
C ALA B 146 -6.35 21.05 -7.02
N VAL B 147 -7.66 21.12 -6.76
CA VAL B 147 -8.58 20.02 -7.01
C VAL B 147 -9.84 20.60 -7.68
N GLN B 148 -10.51 19.77 -8.45
CA GLN B 148 -11.88 20.09 -8.85
C GLN B 148 -12.78 20.15 -7.61
N ASP B 149 -13.78 21.02 -7.67
CA ASP B 149 -14.75 21.09 -6.58
C ASP B 149 -16.14 21.01 -7.20
N PRO B 150 -16.84 19.88 -7.04
CA PRO B 150 -16.55 18.69 -6.20
C PRO B 150 -15.51 17.76 -6.83
N SER B 151 -14.89 16.93 -6.01
CA SER B 151 -14.21 15.71 -6.48
C SER B 151 -14.07 14.66 -5.36
N TYR B 152 -13.66 13.46 -5.77
CA TYR B 152 -13.39 12.36 -4.88
C TYR B 152 -12.51 12.86 -3.74
N PRO B 153 -12.95 12.62 -2.48
CA PRO B 153 -12.31 13.29 -1.31
C PRO B 153 -10.91 12.82 -0.92
N ALA B 154 -10.41 11.73 -1.48
CA ALA B 154 -9.03 11.30 -1.19
C ALA B 154 -7.93 12.30 -1.64
N TYR B 155 -8.17 13.07 -2.71
CA TYR B 155 -7.17 14.06 -3.14
C TYR B 155 -6.93 15.06 -2.02
N VAL B 156 -8.01 15.71 -1.59
CA VAL B 156 -7.92 16.67 -0.47
C VAL B 156 -7.39 16.00 0.81
N ASP B 157 -7.95 14.84 1.13
CA ASP B 157 -7.60 14.17 2.38
C ASP B 157 -6.09 13.84 2.44
N SER B 158 -5.56 13.32 1.33
CA SER B 158 -4.16 12.98 1.23
C SER B 158 -3.31 14.24 1.38
N SER B 159 -3.77 15.37 0.82
CA SER B 159 -3.03 16.64 0.93
C SER B 159 -2.96 17.08 2.43
N VAL B 160 -4.11 17.00 3.12
CA VAL B 160 -4.14 17.42 4.53
C VAL B 160 -3.16 16.59 5.34
N ILE B 161 -3.23 15.28 5.15
CA ILE B 161 -2.42 14.29 5.88
C ILE B 161 -0.92 14.51 5.69
N MET B 162 -0.52 14.84 4.46
CA MET B 162 0.89 15.11 4.19
C MET B 162 1.35 16.49 4.62
N GLY B 163 0.45 17.30 5.20
CA GLY B 163 0.88 18.60 5.72
C GLY B 163 0.92 19.73 4.69
N GLN B 164 0.20 19.58 3.59
CA GLN B 164 0.21 20.54 2.49
C GLN B 164 -0.78 21.67 2.71
N THR B 165 -1.54 21.61 3.81
CA THR B 165 -2.67 22.50 3.98
C THR B 165 -2.69 23.21 5.31
N GLY B 166 -3.65 24.14 5.45
CA GLY B 166 -4.04 24.69 6.75
C GLY B 166 -5.19 23.90 7.36
N GLN B 167 -5.78 24.50 8.40
CA GLN B 167 -6.92 23.94 9.08
C GLN B 167 -8.14 24.00 8.17
N PHE B 168 -9.18 23.26 8.53
CA PHE B 168 -10.48 23.42 7.88
C PHE B 168 -11.22 24.68 8.36
N ASN B 169 -11.71 25.48 7.41
CA ASN B 169 -12.48 26.73 7.64
C ASN B 169 -13.97 26.42 7.48
N THR B 170 -14.76 26.55 8.54
CA THR B 170 -16.16 26.11 8.54
C THR B 170 -17.08 27.05 7.78
N ASP B 171 -16.77 28.35 7.77
CA ASP B 171 -17.53 29.31 6.93
C ASP B 171 -17.57 28.89 5.46
N VAL B 172 -16.43 28.45 4.89
CA VAL B 172 -16.39 28.06 3.49
C VAL B 172 -16.34 26.54 3.26
N GLN B 173 -16.19 25.79 4.34
CA GLN B 173 -16.08 24.32 4.25
C GLN B 173 -14.86 23.88 3.39
N LYS B 174 -13.70 24.48 3.67
CA LYS B 174 -12.51 24.23 2.84
C LYS B 174 -11.31 24.12 3.73
N TYR B 175 -10.33 23.32 3.35
CA TYR B 175 -9.05 23.44 4.05
C TYR B 175 -8.29 24.59 3.47
N GLY B 176 -7.57 25.32 4.34
CA GLY B 176 -6.69 26.40 3.91
C GLY B 176 -5.58 25.92 2.95
N ASN B 177 -5.32 26.74 1.92
CA ASN B 177 -4.16 26.57 1.04
C ASN B 177 -4.39 25.55 -0.06
N ILE B 178 -5.63 25.06 -0.17
CA ILE B 178 -6.03 24.21 -1.32
C ILE B 178 -6.78 25.10 -2.30
N GLU B 179 -6.41 24.99 -3.57
CA GLU B 179 -7.12 25.68 -4.64
C GLU B 179 -8.32 24.84 -5.11
N TYR B 180 -9.52 25.25 -4.71
CA TYR B 180 -10.72 24.51 -5.07
C TYR B 180 -11.28 25.10 -6.36
N MET B 181 -11.21 24.32 -7.44
CA MET B 181 -11.59 24.84 -8.77
C MET B 181 -13.07 24.59 -9.03
N ARG B 182 -13.84 25.67 -9.11
CA ARG B 182 -15.30 25.60 -9.09
C ARG B 182 -15.85 25.00 -10.37
N CYS B 183 -16.53 23.87 -10.25
CA CYS B 183 -17.12 23.16 -11.36
C CYS B 183 -18.63 23.09 -11.18
N THR B 184 -19.37 23.73 -12.07
CA THR B 184 -20.83 23.83 -11.89
C THR B 184 -21.61 23.45 -13.13
N PRO B 185 -22.92 23.17 -12.96
CA PRO B 185 -23.81 22.99 -14.13
C PRO B 185 -23.64 24.13 -15.13
N GLU B 186 -23.52 25.34 -14.60
CA GLU B 186 -23.45 26.57 -15.37
C GLU B 186 -22.16 26.69 -16.21
N ASN B 187 -21.06 26.10 -15.74
CA ASN B 187 -19.82 26.08 -16.56
C ASN B 187 -19.54 24.72 -17.20
N GLY B 188 -20.57 23.85 -17.25
CA GLY B 188 -20.42 22.46 -17.72
C GLY B 188 -19.41 21.64 -16.89
N PHE B 189 -19.20 22.05 -15.64
CA PHE B 189 -18.35 21.32 -14.71
C PHE B 189 -16.89 21.36 -15.13
N PHE B 190 -16.51 22.40 -15.85
CA PHE B 190 -15.11 22.64 -16.11
C PHE B 190 -14.78 24.04 -15.59
N PRO B 191 -13.69 24.16 -14.79
CA PRO B 191 -13.48 25.46 -14.16
C PRO B 191 -13.05 26.58 -15.14
N ASP B 192 -13.30 27.82 -14.75
CA ASP B 192 -12.73 28.97 -15.44
C ASP B 192 -11.28 29.18 -15.03
N LEU B 193 -10.37 28.76 -15.89
CA LEU B 193 -8.98 28.68 -15.50
C LEU B 193 -8.35 30.04 -15.29
N SER B 194 -9.02 31.10 -15.75
CA SER B 194 -8.51 32.45 -15.51
C SER B 194 -8.73 32.85 -14.06
N THR B 195 -9.60 32.14 -13.35
CA THR B 195 -9.86 32.43 -11.94
C THR B 195 -9.07 31.50 -10.98
N VAL B 196 -8.30 30.55 -11.53
CA VAL B 196 -7.66 29.52 -10.72
C VAL B 196 -6.24 29.94 -10.42
N GLY B 197 -5.92 30.02 -9.12
CA GLY B 197 -4.58 30.42 -8.69
C GLY B 197 -3.58 29.31 -9.01
N ARG B 198 -2.32 29.73 -9.16
CA ARG B 198 -1.23 28.82 -9.41
C ARG B 198 -0.96 27.87 -8.21
N THR B 199 -0.73 26.60 -8.53
CA THR B 199 -0.29 25.59 -7.53
C THR B 199 0.81 24.74 -8.13
N ASP B 200 1.46 23.91 -7.30
CA ASP B 200 2.38 22.95 -7.82
C ASP B 200 1.64 21.83 -8.57
N ILE B 201 0.58 21.32 -7.95
CA ILE B 201 -0.05 20.09 -8.40
C ILE B 201 -1.48 20.44 -8.74
N ILE B 202 -1.99 19.84 -9.82
CA ILE B 202 -3.37 19.92 -10.17
C ILE B 202 -3.93 18.50 -10.32
N PHE B 203 -4.76 18.10 -9.37
CA PHE B 203 -5.42 16.80 -9.46
C PHE B 203 -6.66 16.99 -10.32
N PHE B 204 -6.75 16.19 -11.38
CA PHE B 204 -7.85 16.37 -12.32
C PHE B 204 -8.41 15.02 -12.77
N CYS B 205 -9.70 14.83 -12.52
CA CYS B 205 -10.33 13.54 -12.76
C CYS B 205 -11.31 13.70 -13.93
N SER B 206 -11.17 12.86 -14.95
CA SER B 206 -12.09 12.87 -16.11
C SER B 206 -12.24 11.44 -16.61
N PRO B 207 -13.47 10.90 -16.63
CA PRO B 207 -14.70 11.48 -16.13
C PRO B 207 -14.57 11.71 -14.62
N ASN B 208 -15.14 12.82 -14.18
CA ASN B 208 -15.07 13.27 -12.83
C ASN B 208 -16.04 12.43 -11.97
N ASN B 209 -15.56 12.08 -10.79
CA ASN B 209 -16.40 11.55 -9.71
C ASN B 209 -16.47 12.71 -8.71
N PRO B 210 -17.66 13.25 -8.45
CA PRO B 210 -19.02 12.73 -8.63
C PRO B 210 -19.88 13.26 -9.82
N THR B 211 -19.42 14.23 -10.59
CA THR B 211 -20.35 14.90 -11.52
C THR B 211 -20.58 14.12 -12.79
N GLY B 212 -19.69 13.17 -13.09
CA GLY B 212 -19.70 12.40 -14.33
C GLY B 212 -19.12 13.14 -15.54
N ALA B 213 -18.70 14.38 -15.35
CA ALA B 213 -18.29 15.23 -16.48
C ALA B 213 -16.95 14.76 -17.06
N ALA B 214 -16.93 14.63 -18.37
CA ALA B 214 -15.72 14.24 -19.07
C ALA B 214 -15.22 15.45 -19.84
N ALA B 215 -13.99 15.86 -19.58
CA ALA B 215 -13.43 17.04 -20.22
C ALA B 215 -13.28 16.78 -21.75
N THR B 216 -13.59 17.81 -22.54
CA THR B 216 -13.39 17.73 -24.00
C THR B 216 -11.95 17.89 -24.38
N ARG B 217 -11.65 17.58 -25.64
CA ARG B 217 -10.28 17.76 -26.13
C ARG B 217 -9.83 19.23 -25.96
N GLU B 218 -10.73 20.17 -26.25
CA GLU B 218 -10.39 21.59 -26.14
C GLU B 218 -10.13 21.97 -24.68
N GLN B 219 -10.93 21.40 -23.78
CA GLN B 219 -10.78 21.68 -22.34
C GLN B 219 -9.44 21.13 -21.82
N LEU B 220 -9.12 19.89 -22.18
CA LEU B 220 -7.83 19.33 -21.76
C LEU B 220 -6.67 20.10 -22.37
N THR B 221 -6.82 20.54 -23.62
CA THR B 221 -5.80 21.44 -24.19
C THR B 221 -5.58 22.69 -23.33
N GLN B 222 -6.66 23.36 -22.91
CA GLN B 222 -6.55 24.51 -22.00
C GLN B 222 -5.84 24.12 -20.70
N LEU B 223 -6.18 22.96 -20.19
CA LEU B 223 -5.60 22.49 -18.91
C LEU B 223 -4.09 22.29 -19.03
N VAL B 224 -3.67 21.62 -20.10
CA VAL B 224 -2.22 21.45 -20.37
C VAL B 224 -1.48 22.81 -20.53
N GLU B 225 -2.08 23.71 -21.31
CA GLU B 225 -1.47 25.04 -21.54
C GLU B 225 -1.37 25.80 -20.23
N PHE B 226 -2.41 25.71 -19.40
CA PHE B 226 -2.45 26.35 -18.07
C PHE B 226 -1.31 25.79 -17.17
N ALA B 227 -1.22 24.46 -17.12
CA ALA B 227 -0.18 23.80 -16.35
C ALA B 227 1.22 24.20 -16.88
N LYS B 228 1.36 24.19 -18.21
CA LYS B 228 2.64 24.58 -18.80
C LYS B 228 3.03 25.99 -18.40
N LYS B 229 2.11 26.95 -18.47
CA LYS B 229 2.53 28.29 -18.16
C LYS B 229 2.79 28.50 -16.68
N ASN B 230 2.01 27.78 -15.84
CA ASN B 230 2.21 27.79 -14.39
C ASN B 230 3.36 26.96 -13.87
N GLY B 231 3.95 26.12 -14.72
CA GLY B 231 4.97 25.17 -14.25
C GLY B 231 4.40 24.17 -13.24
N SER B 232 3.17 23.73 -13.46
CA SER B 232 2.49 22.74 -12.60
C SER B 232 2.58 21.32 -13.12
N ILE B 233 2.33 20.36 -12.22
CA ILE B 233 2.17 18.96 -12.59
C ILE B 233 0.68 18.61 -12.50
N ILE B 234 0.14 18.08 -13.58
CA ILE B 234 -1.22 17.52 -13.56
C ILE B 234 -1.14 16.07 -13.17
N VAL B 235 -1.98 15.68 -12.21
CA VAL B 235 -2.19 14.29 -11.91
C VAL B 235 -3.55 13.96 -12.47
N TYR B 236 -3.58 13.25 -13.59
CA TYR B 236 -4.84 13.05 -14.27
C TYR B 236 -5.36 11.64 -13.90
N ASP B 237 -6.57 11.57 -13.37
CA ASP B 237 -7.14 10.34 -12.88
C ASP B 237 -8.16 9.90 -13.91
N SER B 238 -7.84 8.84 -14.64
CA SER B 238 -8.67 8.39 -15.73
C SER B 238 -9.44 7.14 -15.32
N ALA B 239 -9.64 6.91 -14.00
CA ALA B 239 -10.29 5.68 -13.51
C ALA B 239 -11.57 5.25 -14.27
N TYR B 240 -12.43 6.21 -14.60
CA TYR B 240 -13.69 5.92 -15.27
C TYR B 240 -13.66 6.08 -16.82
N ALA B 241 -12.48 6.15 -17.40
CA ALA B 241 -12.39 6.47 -18.82
C ALA B 241 -13.03 5.40 -19.71
N MET B 242 -13.06 4.15 -19.27
CA MET B 242 -13.71 3.09 -20.07
C MET B 242 -15.23 3.28 -20.19
N TYR B 243 -15.81 4.13 -19.33
CA TYR B 243 -17.27 4.46 -19.48
C TYR B 243 -17.54 5.59 -20.46
N MET B 244 -16.50 6.17 -21.03
CA MET B 244 -16.69 7.36 -21.90
C MET B 244 -17.64 6.99 -23.06
N SER B 245 -18.72 7.75 -23.23
CA SER B 245 -19.60 7.63 -24.42
C SER B 245 -19.36 8.79 -25.41
N ASP B 246 -19.30 10.02 -24.94
CA ASP B 246 -18.94 11.13 -25.83
C ASP B 246 -17.54 10.89 -26.41
N ASP B 247 -17.27 11.55 -27.52
CA ASP B 247 -15.97 11.41 -28.21
C ASP B 247 -14.98 12.38 -27.57
N ASN B 248 -14.49 12.03 -26.39
CA ASN B 248 -13.54 12.87 -25.65
C ASN B 248 -12.30 12.01 -25.42
N PRO B 249 -11.11 12.65 -25.25
CA PRO B 249 -9.92 11.88 -24.92
C PRO B 249 -10.12 11.07 -23.63
N ARG B 250 -9.57 9.87 -23.63
CA ARG B 250 -9.57 9.01 -22.46
C ARG B 250 -8.27 9.13 -21.69
N SER B 251 -7.21 9.63 -22.34
CA SER B 251 -5.93 9.83 -21.66
C SER B 251 -5.45 11.24 -21.88
N ILE B 252 -4.89 11.83 -20.83
CA ILE B 252 -4.27 13.13 -20.90
C ILE B 252 -3.17 13.17 -21.97
N PHE B 253 -2.52 12.05 -22.23
CA PHE B 253 -1.41 12.00 -23.19
C PHE B 253 -1.86 12.14 -24.67
N GLU B 254 -3.17 12.15 -24.91
CA GLU B 254 -3.73 12.50 -26.23
C GLU B 254 -3.51 13.98 -26.55
N ILE B 255 -3.22 14.78 -25.53
CA ILE B 255 -2.95 16.19 -25.69
C ILE B 255 -1.45 16.42 -25.90
N PRO B 256 -1.04 16.90 -27.12
CA PRO B 256 0.39 17.13 -27.34
C PRO B 256 0.90 18.10 -26.30
N GLY B 257 2.08 17.80 -25.75
CA GLY B 257 2.65 18.64 -24.68
C GLY B 257 2.36 18.14 -23.24
N ALA B 258 1.38 17.24 -23.11
CA ALA B 258 1.03 16.70 -21.79
C ALA B 258 2.21 15.96 -21.17
N GLU B 259 3.07 15.43 -22.03
CA GLU B 259 4.22 14.68 -21.58
C GLU B 259 5.22 15.55 -20.77
N GLU B 260 5.08 16.86 -20.84
CA GLU B 260 5.96 17.77 -20.11
C GLU B 260 5.40 18.19 -18.76
N VAL B 261 4.09 17.99 -18.55
CA VAL B 261 3.35 18.56 -17.41
C VAL B 261 2.41 17.58 -16.69
N ALA B 262 2.28 16.34 -17.17
CA ALA B 262 1.23 15.48 -16.63
C ALA B 262 1.70 14.09 -16.33
N MET B 263 1.08 13.47 -15.31
CA MET B 263 1.14 12.03 -15.20
C MET B 263 -0.29 11.50 -15.16
N GLU B 264 -0.48 10.19 -15.33
CA GLU B 264 -1.84 9.70 -15.29
C GLU B 264 -1.93 8.55 -14.31
N THR B 265 -3.06 8.43 -13.64
CA THR B 265 -3.21 7.32 -12.73
C THR B 265 -4.56 6.64 -12.98
N ALA B 266 -4.62 5.32 -12.79
CA ALA B 266 -5.87 4.61 -12.95
C ALA B 266 -5.89 3.31 -12.10
N SER B 267 -7.10 2.89 -11.74
CA SER B 267 -7.37 1.67 -10.96
C SER B 267 -7.90 0.63 -11.91
N PHE B 268 -7.30 -0.56 -11.92
CA PHE B 268 -7.78 -1.66 -12.73
C PHE B 268 -9.25 -2.01 -12.49
N SER B 269 -9.66 -1.96 -11.23
CA SER B 269 -11.02 -2.27 -10.87
C SER B 269 -12.03 -1.32 -11.51
N LYS B 270 -11.74 -0.03 -11.47
CA LYS B 270 -12.59 0.98 -12.14
C LYS B 270 -12.62 0.85 -13.66
N TYR B 271 -11.48 0.50 -14.30
CA TYR B 271 -11.38 0.33 -15.75
C TYR B 271 -12.07 -0.90 -16.25
N ALA B 272 -11.93 -1.98 -15.49
CA ALA B 272 -12.44 -3.28 -15.87
C ALA B 272 -13.92 -3.39 -15.55
N GLY B 273 -14.38 -2.57 -14.61
CA GLY B 273 -15.75 -2.67 -14.13
C GLY B 273 -16.04 -3.76 -13.10
N PHE B 274 -15.02 -4.36 -12.51
CA PHE B 274 -15.22 -5.39 -11.46
C PHE B 274 -14.13 -5.38 -10.40
N THR B 275 -14.54 -5.55 -9.15
CA THR B 275 -13.60 -5.64 -8.02
C THR B 275 -13.09 -7.07 -7.98
N GLY B 276 -11.79 -7.24 -7.72
CA GLY B 276 -11.16 -8.54 -7.71
C GLY B 276 -9.71 -8.54 -8.13
N VAL B 277 -9.37 -7.75 -9.17
CA VAL B 277 -7.97 -7.50 -9.56
C VAL B 277 -7.53 -6.22 -8.82
N ARG B 278 -6.85 -6.38 -7.70
CA ARG B 278 -6.47 -5.25 -6.84
C ARG B 278 -5.16 -4.67 -7.34
N LEU B 279 -5.30 -3.74 -8.27
CA LEU B 279 -4.23 -3.43 -9.17
C LEU B 279 -4.48 -2.03 -9.70
N GLY B 280 -3.44 -1.20 -9.72
CA GLY B 280 -3.52 0.09 -10.40
C GLY B 280 -2.24 0.40 -11.15
N TRP B 281 -2.23 1.54 -11.81
CA TRP B 281 -1.01 1.98 -12.43
C TRP B 281 -0.93 3.47 -12.46
N THR B 282 0.29 3.95 -12.60
CA THR B 282 0.54 5.34 -12.81
C THR B 282 1.52 5.43 -13.96
N VAL B 283 1.25 6.35 -14.87
CA VAL B 283 2.11 6.55 -16.01
C VAL B 283 2.81 7.89 -15.80
N ILE B 284 4.13 7.84 -15.77
CA ILE B 284 4.87 9.06 -15.59
C ILE B 284 5.87 9.19 -16.76
N PRO B 285 5.66 10.17 -17.63
CA PRO B 285 6.47 10.22 -18.84
C PRO B 285 7.89 10.72 -18.60
N LYS B 286 8.77 10.41 -19.52
CA LYS B 286 10.19 10.75 -19.36
C LYS B 286 10.44 12.26 -19.31
N LYS B 287 9.56 13.03 -19.94
CA LYS B 287 9.80 14.46 -20.07
C LYS B 287 9.23 15.27 -18.90
N LEU B 288 8.70 14.59 -17.88
CA LEU B 288 8.14 15.29 -16.68
C LEU B 288 9.25 15.48 -15.69
N LEU B 289 9.67 16.74 -15.46
CA LEU B 289 10.85 17.00 -14.65
C LEU B 289 10.53 18.00 -13.57
N TYR B 290 11.14 17.84 -12.39
CA TYR B 290 11.11 18.90 -11.39
C TYR B 290 11.94 20.12 -11.84
N SER B 291 11.78 21.24 -11.13
CA SER B 291 12.46 22.52 -11.45
C SER B 291 14.00 22.45 -11.51
N ASP B 292 14.59 21.42 -10.92
CA ASP B 292 16.08 21.23 -10.94
C ASP B 292 16.46 20.28 -12.03
N GLY B 293 15.50 19.92 -12.88
CA GLY B 293 15.75 18.98 -13.96
C GLY B 293 15.63 17.50 -13.60
N PHE B 294 15.41 17.17 -12.32
CA PHE B 294 15.34 15.74 -11.93
C PHE B 294 14.02 15.12 -12.39
N PRO B 295 14.06 13.93 -13.03
CA PRO B 295 12.83 13.30 -13.54
C PRO B 295 11.94 12.73 -12.44
N VAL B 296 10.68 13.12 -12.47
CA VAL B 296 9.74 12.78 -11.43
C VAL B 296 9.63 11.25 -11.33
N ALA B 297 9.61 10.56 -12.48
CA ALA B 297 9.49 9.10 -12.50
C ALA B 297 10.55 8.41 -11.67
N LYS B 298 11.74 9.00 -11.57
CA LYS B 298 12.85 8.39 -10.81
C LYS B 298 12.58 8.41 -9.32
N ASP B 299 11.93 9.48 -8.84
CA ASP B 299 11.53 9.52 -7.42
C ASP B 299 10.37 8.60 -7.15
N PHE B 300 9.46 8.45 -8.11
CA PHE B 300 8.36 7.53 -7.89
C PHE B 300 8.92 6.13 -7.74
N ASN B 301 9.79 5.77 -8.66
CA ASN B 301 10.42 4.48 -8.63
C ASN B 301 11.14 4.20 -7.30
N ARG B 302 11.87 5.19 -6.81
CA ARG B 302 12.63 5.06 -5.56
C ARG B 302 11.69 4.84 -4.39
N ILE B 303 10.51 5.46 -4.47
CA ILE B 303 9.46 5.39 -3.46
C ILE B 303 8.82 4.00 -3.41
N ILE B 304 8.44 3.47 -4.57
CA ILE B 304 7.77 2.15 -4.59
C ILE B 304 8.75 1.04 -4.18
N CYS B 305 10.05 1.36 -4.18
CA CYS B 305 11.11 0.48 -3.69
C CYS B 305 11.45 0.67 -2.20
N THR B 306 10.53 1.25 -1.44
CA THR B 306 10.65 1.37 0.02
C THR B 306 9.38 0.91 0.75
N CYS B 307 8.22 1.28 0.20
CA CYS B 307 6.95 0.75 0.71
C CYS B 307 6.72 -0.62 0.11
N PHE B 308 6.58 -0.62 -1.21
CA PHE B 308 5.99 -1.75 -1.93
C PHE B 308 6.93 -2.94 -2.09
N ASN B 309 6.38 -4.02 -2.64
CA ASN B 309 7.17 -5.18 -3.05
C ASN B 309 6.73 -5.63 -4.44
N GLY B 310 5.43 -5.47 -4.71
CA GLY B 310 4.81 -5.82 -5.99
C GLY B 310 3.31 -6.05 -5.81
N ALA B 311 2.55 -5.90 -6.89
CA ALA B 311 1.15 -6.36 -6.90
C ALA B 311 1.13 -7.89 -7.01
N SER B 312 0.21 -8.56 -6.33
CA SER B 312 0.25 -10.04 -6.25
C SER B 312 0.35 -10.71 -7.63
N ASN B 313 1.00 -11.87 -7.66
CA ASN B 313 1.15 -12.66 -8.86
C ASN B 313 -0.22 -13.05 -9.41
N ILE B 314 -1.17 -13.20 -8.49
CA ILE B 314 -2.49 -13.65 -8.86
C ILE B 314 -3.25 -12.51 -9.50
N SER B 315 -3.16 -11.30 -8.93
CA SER B 315 -3.83 -10.12 -9.50
C SER B 315 -3.26 -9.78 -10.87
N GLN B 316 -1.95 -9.88 -11.02
CA GLN B 316 -1.29 -9.68 -12.31
C GLN B 316 -1.75 -10.64 -13.39
N ALA B 317 -1.93 -11.93 -13.04
CA ALA B 317 -2.50 -12.92 -13.94
C ALA B 317 -3.93 -12.54 -14.39
N GLY B 318 -4.74 -12.04 -13.45
CA GLY B 318 -6.10 -11.59 -13.77
C GLY B 318 -6.01 -10.39 -14.70
N ALA B 319 -5.15 -9.44 -14.37
CA ALA B 319 -4.98 -8.25 -15.18
C ALA B 319 -4.47 -8.59 -16.60
N LEU B 320 -3.49 -9.46 -16.67
CA LEU B 320 -2.98 -9.92 -17.97
C LEU B 320 -4.10 -10.54 -18.79
N ALA B 321 -4.98 -11.27 -18.11
CA ALA B 321 -6.10 -11.87 -18.80
C ALA B 321 -7.12 -10.86 -19.26
N CYS B 322 -7.28 -9.74 -18.55
CA CYS B 322 -8.22 -8.72 -19.06
C CYS B 322 -7.74 -8.09 -20.39
N LEU B 323 -6.43 -8.01 -20.57
CA LEU B 323 -5.86 -7.29 -21.71
C LEU B 323 -5.61 -8.26 -22.85
N THR B 324 -6.70 -8.93 -23.24
CA THR B 324 -6.72 -9.92 -24.33
C THR B 324 -8.04 -9.67 -25.02
N PRO B 325 -8.26 -10.25 -26.23
CA PRO B 325 -9.59 -10.04 -26.85
C PRO B 325 -10.75 -10.51 -25.94
N GLU B 326 -10.60 -11.67 -25.33
CA GLU B 326 -11.72 -12.17 -24.51
C GLU B 326 -11.93 -11.31 -23.26
N GLY B 327 -10.85 -10.80 -22.70
CA GLY B 327 -10.93 -10.01 -21.45
C GLY B 327 -11.52 -8.66 -21.73
N LEU B 328 -11.17 -8.10 -22.90
CA LEU B 328 -11.66 -6.78 -23.27
C LEU B 328 -13.13 -6.86 -23.62
N GLU B 329 -13.51 -7.96 -24.24
CA GLU B 329 -14.93 -8.22 -24.51
C GLU B 329 -15.78 -8.29 -23.20
N ALA B 330 -15.28 -9.00 -22.21
CA ALA B 330 -15.97 -9.17 -20.88
C ALA B 330 -16.09 -7.83 -20.19
N MET B 331 -15.00 -7.07 -20.20
CA MET B 331 -15.00 -5.72 -19.65
C MET B 331 -16.02 -4.82 -20.29
N HIS B 332 -16.09 -4.86 -21.63
CA HIS B 332 -17.01 -4.08 -22.39
C HIS B 332 -18.44 -4.47 -22.06
N LYS B 333 -18.67 -5.76 -21.90
CA LYS B 333 -20.00 -6.23 -21.54
C LYS B 333 -20.46 -5.71 -20.14
N VAL B 334 -19.58 -5.82 -19.14
CA VAL B 334 -19.87 -5.40 -17.75
C VAL B 334 -20.10 -3.91 -17.74
N ILE B 335 -19.24 -3.16 -18.43
CA ILE B 335 -19.43 -1.72 -18.51
C ILE B 335 -20.79 -1.36 -19.14
N GLY B 336 -21.16 -2.08 -20.19
CA GLY B 336 -22.43 -1.79 -20.87
C GLY B 336 -23.63 -2.05 -19.94
N PHE B 337 -23.52 -3.09 -19.11
CA PHE B 337 -24.55 -3.38 -18.12
C PHE B 337 -24.73 -2.20 -17.15
N TYR B 338 -23.62 -1.72 -16.58
CA TYR B 338 -23.66 -0.57 -15.67
C TYR B 338 -24.13 0.71 -16.32
N LYS B 339 -23.80 0.90 -17.60
CA LYS B 339 -24.36 2.05 -18.31
C LYS B 339 -25.89 1.94 -18.45
N GLU B 340 -26.42 0.75 -18.64
CA GLU B 340 -27.89 0.63 -18.69
C GLU B 340 -28.51 0.92 -17.32
N ASN B 341 -27.88 0.38 -16.26
CA ASN B 341 -28.21 0.76 -14.87
C ASN B 341 -28.26 2.29 -14.70
N THR B 342 -27.24 2.98 -15.21
CA THR B 342 -27.17 4.44 -15.13
C THR B 342 -28.40 5.11 -15.81
N ASN B 343 -28.75 4.67 -17.02
CA ASN B 343 -29.88 5.23 -17.77
C ASN B 343 -31.20 5.06 -17.04
N ILE B 344 -31.38 3.91 -16.40
CA ILE B 344 -32.61 3.68 -15.60
C ILE B 344 -32.68 4.76 -14.50
N ILE B 345 -31.55 5.01 -13.85
CA ILE B 345 -31.49 6.02 -12.77
C ILE B 345 -31.73 7.42 -13.30
N ILE B 346 -31.03 7.77 -14.37
CA ILE B 346 -31.28 9.08 -14.99
C ILE B 346 -32.77 9.30 -15.32
N ASP B 347 -33.39 8.33 -15.98
CA ASP B 347 -34.80 8.46 -16.43
C ASP B 347 -35.73 8.65 -15.21
N THR B 348 -35.49 7.84 -14.19
CA THR B 348 -36.21 7.98 -12.93
C THR B 348 -36.19 9.41 -12.41
N PHE B 349 -34.99 9.96 -12.13
CA PHE B 349 -34.93 11.31 -11.59
C PHE B 349 -35.41 12.39 -12.56
N THR B 350 -35.17 12.16 -13.84
CA THR B 350 -35.61 13.13 -14.84
C THR B 350 -37.12 13.13 -14.86
N SER B 351 -37.74 11.94 -14.90
CA SER B 351 -39.21 11.88 -14.93
C SER B 351 -39.86 12.51 -13.68
N LEU B 352 -39.14 12.51 -12.56
CA LEU B 352 -39.57 13.21 -11.37
C LEU B 352 -39.30 14.72 -11.40
N GLY B 353 -38.65 15.21 -12.45
CA GLY B 353 -38.43 16.65 -12.60
C GLY B 353 -37.22 17.26 -11.93
N TYR B 354 -36.25 16.43 -11.53
CA TYR B 354 -34.96 16.88 -11.01
C TYR B 354 -33.98 17.17 -12.14
N ASP B 355 -33.12 18.16 -11.93
CA ASP B 355 -31.92 18.38 -12.75
C ASP B 355 -30.97 17.25 -12.43
N VAL B 356 -30.61 16.49 -13.46
CA VAL B 356 -29.74 15.33 -13.33
C VAL B 356 -28.53 15.54 -14.23
N TYR B 357 -27.33 15.36 -13.69
CA TYR B 357 -26.08 15.51 -14.46
C TYR B 357 -25.34 14.18 -14.41
N GLY B 358 -24.39 14.01 -15.33
CA GLY B 358 -23.60 12.81 -15.34
C GLY B 358 -24.36 11.69 -15.96
N GLY B 359 -23.95 10.48 -15.71
CA GLY B 359 -24.63 9.35 -16.29
C GLY B 359 -24.29 8.99 -17.73
N LYS B 360 -23.71 9.94 -18.46
CA LYS B 360 -23.40 9.72 -19.88
C LYS B 360 -22.05 9.01 -20.04
N ASN B 361 -21.07 9.49 -19.27
CA ASN B 361 -19.68 9.03 -19.33
C ASN B 361 -19.12 8.34 -18.09
N ALA B 362 -20.01 7.90 -17.18
CA ALA B 362 -19.63 7.39 -15.86
C ALA B 362 -20.79 6.62 -15.22
N PRO B 363 -20.51 5.67 -14.31
CA PRO B 363 -21.52 4.80 -13.70
C PRO B 363 -22.18 5.35 -12.42
N TYR B 364 -22.51 6.63 -12.42
CA TYR B 364 -23.26 7.27 -11.32
C TYR B 364 -23.96 8.51 -11.87
N VAL B 365 -24.92 9.03 -11.13
CA VAL B 365 -25.61 10.22 -11.54
C VAL B 365 -25.50 11.24 -10.42
N TRP B 366 -25.56 12.52 -10.77
CA TRP B 366 -25.32 13.59 -9.85
C TRP B 366 -26.61 14.37 -9.90
N VAL B 367 -27.39 14.29 -8.82
CA VAL B 367 -28.79 14.80 -8.84
C VAL B 367 -28.88 16.07 -7.99
N HIS B 368 -29.42 17.14 -8.57
CA HIS B 368 -29.56 18.38 -7.81
C HIS B 368 -30.81 18.40 -6.94
N PHE B 369 -30.59 18.66 -5.65
CA PHE B 369 -31.67 18.86 -4.68
C PHE B 369 -31.55 20.28 -4.11
N PRO B 370 -32.15 21.25 -4.79
CA PRO B 370 -32.05 22.69 -4.44
C PRO B 370 -32.69 23.02 -3.09
N ASN B 371 -32.13 24.00 -2.40
CA ASN B 371 -32.64 24.42 -1.08
C ASN B 371 -32.77 23.29 -0.02
N GLN B 372 -31.87 22.32 -0.06
CA GLN B 372 -31.83 21.29 0.97
C GLN B 372 -30.39 20.83 1.13
N SER B 373 -30.04 20.45 2.35
CA SER B 373 -28.73 19.93 2.66
C SER B 373 -28.58 18.50 2.11
N SER B 374 -27.41 18.19 1.54
CA SER B 374 -27.21 16.87 0.96
C SER B 374 -27.17 15.75 2.00
N TRP B 375 -26.63 16.03 3.19
CA TRP B 375 -26.74 15.10 4.31
C TRP B 375 -28.20 14.86 4.73
N ASP B 376 -29.04 15.90 4.70
CA ASP B 376 -30.46 15.71 5.04
C ASP B 376 -31.18 14.91 3.99
N VAL B 377 -30.82 15.12 2.72
CA VAL B 377 -31.46 14.36 1.65
C VAL B 377 -31.03 12.90 1.77
N PHE B 378 -29.72 12.70 1.99
CA PHE B 378 -29.18 11.38 2.19
C PHE B 378 -29.93 10.67 3.34
N ALA B 379 -30.02 11.39 4.47
CA ALA B 379 -30.70 10.84 5.65
C ALA B 379 -32.17 10.46 5.36
N GLU B 380 -32.91 11.34 4.65
CA GLU B 380 -34.32 11.10 4.33
C GLU B 380 -34.51 9.90 3.42
N ILE B 381 -33.70 9.86 2.36
CA ILE B 381 -33.73 8.73 1.46
C ILE B 381 -33.41 7.45 2.20
N LEU B 382 -32.43 7.50 3.09
CA LEU B 382 -32.10 6.24 3.77
C LEU B 382 -33.25 5.82 4.74
N GLU B 383 -33.77 6.77 5.50
CA GLU B 383 -34.84 6.52 6.47
C GLU B 383 -36.10 6.00 5.77
N LYS B 384 -36.49 6.65 4.68
CA LYS B 384 -37.74 6.31 4.01
C LYS B 384 -37.71 5.17 3.02
N THR B 385 -36.60 5.00 2.29
CA THR B 385 -36.54 3.98 1.24
C THR B 385 -35.54 2.89 1.51
N HIS B 386 -34.73 3.04 2.58
CA HIS B 386 -33.65 2.10 2.87
C HIS B 386 -32.64 1.99 1.69
N VAL B 387 -32.48 3.06 0.95
CA VAL B 387 -31.44 3.12 -0.08
C VAL B 387 -30.31 4.04 0.41
N VAL B 388 -29.07 3.54 0.29
CA VAL B 388 -27.87 4.36 0.60
C VAL B 388 -27.45 5.12 -0.67
N THR B 389 -27.39 6.44 -0.59
CA THR B 389 -26.81 7.28 -1.62
C THR B 389 -25.53 7.93 -1.06
N THR B 390 -24.95 8.88 -1.79
CA THR B 390 -23.79 9.61 -1.23
C THR B 390 -24.12 11.09 -1.26
N PRO B 391 -24.08 11.74 -0.08
CA PRO B 391 -24.32 13.20 -0.05
C PRO B 391 -23.20 13.97 -0.79
N GLY B 392 -23.61 14.93 -1.60
CA GLY B 392 -22.69 15.71 -2.43
C GLY B 392 -21.61 16.43 -1.67
N SER B 393 -21.96 16.95 -0.50
CA SER B 393 -20.99 17.61 0.39
C SER B 393 -19.82 16.71 0.82
N GLY B 394 -19.96 15.37 0.72
CA GLY B 394 -18.82 14.49 0.93
C GLY B 394 -17.72 14.67 -0.14
N PHE B 395 -18.05 15.33 -1.24
CA PHE B 395 -17.06 15.56 -2.33
C PHE B 395 -16.54 17.01 -2.34
N GLY B 396 -16.67 17.70 -1.21
CA GLY B 396 -16.21 19.08 -1.09
C GLY B 396 -17.38 20.07 -1.15
N PRO B 397 -17.09 21.35 -0.86
CA PRO B 397 -18.14 22.33 -0.72
C PRO B 397 -19.01 22.51 -2.00
N GLY B 398 -18.39 22.38 -3.18
CA GLY B 398 -19.14 22.48 -4.42
C GLY B 398 -20.15 21.34 -4.58
N GLY B 399 -20.05 20.30 -3.75
CA GLY B 399 -21.03 19.26 -3.83
C GLY B 399 -22.30 19.51 -3.06
N GLU B 400 -22.32 20.55 -2.22
CA GLU B 400 -23.49 20.80 -1.35
C GLU B 400 -24.70 21.01 -2.23
N GLY B 401 -25.83 20.39 -1.89
CA GLY B 401 -27.04 20.57 -2.69
C GLY B 401 -27.22 19.53 -3.78
N PHE B 402 -26.29 18.56 -3.86
CA PHE B 402 -26.37 17.45 -4.80
C PHE B 402 -26.25 16.12 -4.04
N VAL B 403 -26.76 15.09 -4.66
CA VAL B 403 -26.58 13.73 -4.19
C VAL B 403 -26.08 12.91 -5.38
N ARG B 404 -25.08 12.05 -5.13
CA ARG B 404 -24.65 11.05 -6.10
C ARG B 404 -25.33 9.73 -5.88
N VAL B 405 -25.81 9.13 -6.96
CA VAL B 405 -26.35 7.79 -6.91
C VAL B 405 -25.54 6.86 -7.81
N SER B 406 -25.08 5.76 -7.26
CA SER B 406 -24.22 4.81 -7.97
C SER B 406 -25.10 3.90 -8.80
N ALA B 407 -24.58 3.50 -9.97
CA ALA B 407 -25.28 2.54 -10.83
C ALA B 407 -24.83 1.11 -10.61
N PHE B 408 -23.88 0.90 -9.70
CA PHE B 408 -23.42 -0.45 -9.37
C PHE B 408 -24.45 -1.24 -8.51
N GLY B 409 -25.01 -2.30 -9.08
CA GLY B 409 -25.92 -3.20 -8.37
C GLY B 409 -26.54 -4.15 -9.39
N HIS B 410 -27.00 -5.31 -8.92
CA HIS B 410 -27.89 -6.17 -9.74
C HIS B 410 -29.02 -5.34 -10.35
N ARG B 411 -29.43 -5.72 -11.56
CA ARG B 411 -30.48 -5.02 -12.28
C ARG B 411 -31.78 -4.89 -11.44
N GLU B 412 -32.13 -5.96 -10.72
CA GLU B 412 -33.36 -5.94 -9.92
C GLU B 412 -33.24 -4.95 -8.76
N ASN B 413 -32.03 -4.83 -8.19
CA ASN B 413 -31.80 -3.84 -7.14
C ASN B 413 -31.92 -2.38 -7.63
N ILE B 414 -31.38 -2.11 -8.82
CA ILE B 414 -31.51 -0.79 -9.41
C ILE B 414 -32.97 -0.46 -9.66
N LEU B 415 -33.68 -1.40 -10.28
CA LEU B 415 -35.11 -1.21 -10.56
C LEU B 415 -35.90 -1.00 -9.28
N GLU B 416 -35.68 -1.86 -8.28
CA GLU B 416 -36.34 -1.68 -6.99
C GLU B 416 -36.01 -0.32 -6.34
N ALA B 417 -34.72 0.04 -6.28
CA ALA B 417 -34.38 1.36 -5.76
C ALA B 417 -35.11 2.48 -6.47
N CYS B 418 -35.15 2.47 -7.80
CA CYS B 418 -35.81 3.52 -8.55
C CYS B 418 -37.32 3.56 -8.27
N ARG B 419 -37.94 2.41 -8.12
CA ARG B 419 -39.36 2.45 -7.81
C ARG B 419 -39.62 3.01 -6.40
N ARG B 420 -38.71 2.75 -5.45
CA ARG B 420 -38.80 3.44 -4.13
C ARG B 420 -38.67 4.95 -4.26
N PHE B 421 -37.68 5.41 -5.05
CA PHE B 421 -37.48 6.84 -5.31
C PHE B 421 -38.74 7.47 -5.88
N LYS B 422 -39.30 6.82 -6.89
CA LYS B 422 -40.44 7.39 -7.62
C LYS B 422 -41.62 7.53 -6.64
N GLN B 423 -41.86 6.45 -5.89
CA GLN B 423 -42.93 6.42 -4.89
C GLN B 423 -42.72 7.48 -3.82
N LEU B 424 -41.49 7.66 -3.35
CA LEU B 424 -41.20 8.72 -2.39
C LEU B 424 -41.43 10.11 -2.98
N TYR B 425 -40.95 10.37 -4.19
CA TYR B 425 -40.91 11.74 -4.68
C TYR B 425 -42.04 12.17 -5.64
N LYS B 426 -42.92 11.24 -6.00
CA LYS B 426 -44.01 11.49 -6.94
C LYS B 426 -44.95 12.69 -6.67
N HIS B 427 -45.53 12.79 -5.47
CA HIS B 427 -46.63 13.78 -5.22
C HIS B 427 -46.22 15.06 -4.49
#